data_5UF4
#
_entry.id   5UF4
#
_cell.length_a   82.423
_cell.length_b   82.423
_cell.length_c   227.481
_cell.angle_alpha   90.000
_cell.angle_beta   90.000
_cell.angle_gamma   90.000
#
_symmetry.space_group_name_H-M   'P 43 2 2'
#
loop_
_entity.id
_entity.type
_entity.pdbx_description
1 polymer O13
2 branched beta-D-galactopyranose-(1-4)-2-acetamido-2-deoxy-beta-D-glucopyranose-(1-3)-beta-D-galactopyranose-(1-4)-alpha-D-glucopyranose
3 water water
#
_entity_poly.entity_id   1
_entity_poly.type   'polypeptide(L)'
_entity_poly.pdbx_seq_one_letter_code
;HHHHHHGGCPSQCSCSGTTVNCKSKSLASVPAGIPTTTRVLYLNDNQITKLEPGVFDRLVNLQTLWLNNNQLTSLPAGLF
DSLTQLTILALDSNQLQALPVGVFGRLVDLQQLYLGSNQLSALPSAVFDRLVHLKELLMCCNKLTELPRGIERLTHLTHL
ALDQNQLKSIPHGAFDRLSSLTHAYLFGNPWDCECRDIMYLRNWVADHTSIVMRWDGKAVNDPDSAKCAGTNTPVRAVTE
ASTSPSKCP
;
_entity_poly.pdbx_strand_id   A,B,C
#
# COMPACT_ATOMS: atom_id res chain seq x y z
N CYS A 9 -13.97 30.95 -6.11
CA CYS A 9 -12.94 31.27 -5.12
C CYS A 9 -13.47 32.19 -4.02
N PRO A 10 -13.16 31.87 -2.76
CA PRO A 10 -13.48 32.80 -1.67
C PRO A 10 -12.76 34.12 -1.88
N SER A 11 -13.46 35.22 -1.57
CA SER A 11 -12.92 36.54 -1.85
C SER A 11 -11.69 36.83 -1.01
N GLN A 12 -11.54 36.19 0.14
CA GLN A 12 -10.37 36.39 0.99
C GLN A 12 -9.17 35.57 0.55
N CYS A 13 -9.39 34.58 -0.31
CA CYS A 13 -8.37 33.63 -0.70
C CYS A 13 -7.99 33.83 -2.17
N SER A 14 -6.93 33.14 -2.58
CA SER A 14 -6.53 33.07 -3.99
C SER A 14 -6.58 31.62 -4.43
N CYS A 15 -7.02 31.40 -5.67
CA CYS A 15 -7.23 30.06 -6.18
C CYS A 15 -6.51 29.92 -7.51
N SER A 16 -5.91 28.74 -7.73
CA SER A 16 -5.27 28.42 -8.99
C SER A 16 -5.34 26.92 -9.20
N GLY A 17 -5.77 26.51 -10.40
CA GLY A 17 -5.92 25.09 -10.65
C GLY A 17 -6.93 24.48 -9.72
N THR A 18 -6.50 23.44 -9.01
CA THR A 18 -7.31 22.81 -7.98
C THR A 18 -6.77 23.09 -6.58
N THR A 19 -5.97 24.15 -6.43
CA THR A 19 -5.40 24.55 -5.15
C THR A 19 -6.07 25.82 -4.66
N VAL A 20 -6.55 25.80 -3.42
CA VAL A 20 -7.19 26.95 -2.79
C VAL A 20 -6.31 27.40 -1.64
N ASN A 21 -5.83 28.65 -1.71
CA ASN A 21 -4.90 29.17 -0.72
C ASN A 21 -5.63 30.17 0.17
N CYS A 22 -6.07 29.70 1.34
CA CYS A 22 -6.63 30.56 2.38
C CYS A 22 -5.68 30.69 3.57
N LYS A 23 -4.39 30.45 3.36
CA LYS A 23 -3.43 30.49 4.44
C LYS A 23 -3.11 31.93 4.83
N SER A 24 -2.97 32.16 6.13
CA SER A 24 -2.52 33.45 6.68
C SER A 24 -3.38 34.61 6.17
N LYS A 25 -4.70 34.46 6.33
CA LYS A 25 -5.66 35.46 5.87
C LYS A 25 -6.52 36.00 7.01
N SER A 26 -6.11 35.77 8.26
CA SER A 26 -6.85 36.24 9.45
C SER A 26 -8.28 35.74 9.45
N LEU A 27 -8.52 34.53 8.92
CA LEU A 27 -9.87 34.00 8.83
C LEU A 27 -10.37 33.55 10.20
N ALA A 28 -11.59 33.92 10.52
CA ALA A 28 -12.26 33.48 11.74
C ALA A 28 -13.15 32.26 11.52
N SER A 29 -13.43 31.92 10.26
CA SER A 29 -14.26 30.77 9.93
C SER A 29 -13.93 30.35 8.50
N VAL A 30 -14.34 29.14 8.15
CA VAL A 30 -14.12 28.62 6.80
C VAL A 30 -15.01 29.42 5.85
N PRO A 31 -14.45 30.11 4.87
CA PRO A 31 -15.26 30.94 3.97
C PRO A 31 -15.99 30.10 2.93
N ALA A 32 -17.09 30.67 2.43
CA ALA A 32 -17.83 30.06 1.33
C ALA A 32 -17.08 30.24 0.01
N GLY A 33 -17.42 29.39 -0.96
CA GLY A 33 -16.90 29.49 -2.31
C GLY A 33 -15.72 28.62 -2.63
N ILE A 34 -15.40 27.62 -1.80
CA ILE A 34 -14.36 26.66 -2.13
C ILE A 34 -14.92 25.69 -3.16
N PRO A 35 -14.32 25.58 -4.34
CA PRO A 35 -14.89 24.72 -5.37
C PRO A 35 -14.86 23.25 -4.98
N THR A 36 -15.93 22.53 -5.35
CA THR A 36 -15.98 21.10 -5.12
C THR A 36 -14.87 20.35 -5.85
N THR A 37 -14.22 21.01 -6.81
CA THR A 37 -13.11 20.44 -7.56
C THR A 37 -11.78 20.52 -6.81
N THR A 38 -11.74 21.23 -5.69
CA THR A 38 -10.49 21.49 -4.96
C THR A 38 -9.81 20.19 -4.51
N ARG A 39 -8.50 20.11 -4.72
CA ARG A 39 -7.71 18.99 -4.24
C ARG A 39 -6.73 19.36 -3.14
N VAL A 40 -6.30 20.61 -3.06
CA VAL A 40 -5.40 21.08 -2.02
C VAL A 40 -6.02 22.32 -1.38
N LEU A 41 -6.23 22.28 -0.07
CA LEU A 41 -6.92 23.36 0.64
C LEU A 41 -6.03 23.82 1.79
N TYR A 42 -5.47 25.02 1.66
CA TYR A 42 -4.69 25.64 2.72
C TYR A 42 -5.63 26.51 3.56
N LEU A 43 -5.90 26.09 4.79
CA LEU A 43 -6.62 26.92 5.75
C LEU A 43 -5.80 27.19 6.99
N ASN A 44 -4.49 26.97 6.91
CA ASN A 44 -3.61 27.06 8.07
C ASN A 44 -3.24 28.52 8.37
N ASP A 45 -2.82 28.74 9.63
CA ASP A 45 -2.41 30.04 10.14
C ASP A 45 -3.55 31.05 10.05
N ASN A 46 -4.66 30.71 10.71
CA ASN A 46 -5.81 31.59 10.79
C ASN A 46 -6.29 31.58 12.23
N GLN A 47 -7.53 32.02 12.45
CA GLN A 47 -8.13 32.04 13.78
C GLN A 47 -9.47 31.32 13.76
N ILE A 48 -9.53 30.18 13.07
CA ILE A 48 -10.76 29.43 12.97
C ILE A 48 -11.01 28.72 14.31
N THR A 49 -12.13 29.05 14.94
CA THR A 49 -12.44 28.49 16.26
C THR A 49 -13.30 27.25 16.20
N LYS A 50 -14.01 27.01 15.11
CA LYS A 50 -14.80 25.80 15.00
C LYS A 50 -15.10 25.52 13.53
N LEU A 51 -15.38 24.25 13.26
CA LEU A 51 -15.72 23.79 11.91
C LEU A 51 -17.15 23.27 11.95
N GLU A 52 -17.99 23.79 11.06
CA GLU A 52 -19.38 23.38 11.10
C GLU A 52 -19.57 22.00 10.47
N PRO A 53 -20.53 21.23 10.99
CA PRO A 53 -20.84 19.94 10.38
C PRO A 53 -21.31 20.11 8.94
N GLY A 54 -20.74 19.30 8.05
CA GLY A 54 -21.05 19.37 6.64
C GLY A 54 -20.19 20.30 5.81
N VAL A 55 -19.29 21.06 6.45
CA VAL A 55 -18.49 22.03 5.71
C VAL A 55 -17.60 21.35 4.67
N PHE A 56 -17.19 20.11 4.93
CA PHE A 56 -16.32 19.39 4.00
C PHE A 56 -17.06 18.36 3.18
N ASP A 57 -18.37 18.21 3.38
CA ASP A 57 -19.12 17.19 2.66
C ASP A 57 -19.07 17.41 1.15
N ARG A 58 -19.00 18.68 0.74
CA ARG A 58 -19.02 19.02 -0.68
C ARG A 58 -17.66 18.86 -1.34
N LEU A 59 -16.59 18.81 -0.56
CA LEU A 59 -15.23 18.82 -1.09
C LEU A 59 -14.67 17.39 -1.16
N VAL A 60 -15.35 16.54 -1.90
CA VAL A 60 -15.01 15.12 -1.92
C VAL A 60 -13.71 14.80 -2.63
N ASN A 61 -13.13 15.75 -3.36
CA ASN A 61 -11.91 15.51 -4.10
C ASN A 61 -10.65 15.93 -3.35
N LEU A 62 -10.78 16.39 -2.12
CA LEU A 62 -9.62 16.84 -1.36
C LEU A 62 -8.64 15.69 -1.17
N GLN A 63 -7.36 15.97 -1.45
CA GLN A 63 -6.29 15.06 -1.12
C GLN A 63 -5.40 15.55 0.01
N THR A 64 -5.36 16.87 0.24
CA THR A 64 -4.50 17.46 1.25
C THR A 64 -5.26 18.61 1.91
N LEU A 65 -5.36 18.56 3.24
CA LEU A 65 -6.14 19.54 4.00
C LEU A 65 -5.32 20.06 5.16
N TRP A 66 -5.03 21.36 5.14
CA TRP A 66 -4.19 22.00 6.16
C TRP A 66 -5.07 22.86 7.06
N LEU A 67 -5.33 22.36 8.26
CA LEU A 67 -6.06 23.12 9.27
C LEU A 67 -5.17 23.50 10.44
N ASN A 68 -3.86 23.35 10.30
CA ASN A 68 -2.92 23.62 11.37
C ASN A 68 -2.86 25.11 11.70
N ASN A 69 -2.42 25.41 12.93
CA ASN A 69 -2.27 26.78 13.42
C ASN A 69 -3.59 27.56 13.34
N ASN A 70 -4.59 27.02 14.03
CA ASN A 70 -5.86 27.71 14.20
C ASN A 70 -6.22 27.67 15.69
N GLN A 71 -7.51 27.80 15.98
CA GLN A 71 -7.98 27.84 17.35
C GLN A 71 -9.08 26.81 17.56
N LEU A 72 -8.94 25.64 16.94
CA LEU A 72 -9.93 24.59 17.07
C LEU A 72 -9.81 23.90 18.42
N THR A 73 -10.95 23.74 19.10
CA THR A 73 -10.98 23.03 20.38
C THR A 73 -11.68 21.68 20.30
N SER A 74 -12.55 21.47 19.31
CA SER A 74 -13.17 20.18 19.11
C SER A 74 -13.51 20.03 17.63
N LEU A 75 -13.80 18.80 17.24
CA LEU A 75 -14.23 18.47 15.90
C LEU A 75 -15.58 17.75 15.97
N PRO A 76 -16.56 18.11 15.16
CA PRO A 76 -17.82 17.38 15.17
C PRO A 76 -17.66 16.00 14.55
N ALA A 77 -18.45 15.06 15.05
CA ALA A 77 -18.42 13.70 14.54
C ALA A 77 -18.80 13.69 13.06
N GLY A 78 -18.08 12.88 12.27
CA GLY A 78 -18.35 12.75 10.86
C GLY A 78 -17.84 13.88 9.99
N LEU A 79 -17.08 14.82 10.57
CA LEU A 79 -16.58 15.99 9.84
C LEU A 79 -15.86 15.62 8.55
N PHE A 80 -15.05 14.56 8.59
CA PHE A 80 -14.17 14.20 7.47
C PHE A 80 -14.68 13.02 6.66
N ASP A 81 -15.90 12.54 6.91
CA ASP A 81 -16.32 11.25 6.39
C ASP A 81 -16.42 11.21 4.87
N SER A 82 -16.58 12.36 4.21
CA SER A 82 -16.65 12.38 2.76
C SER A 82 -15.28 12.40 2.08
N LEU A 83 -14.20 12.62 2.84
CA LEU A 83 -12.89 12.89 2.26
C LEU A 83 -12.11 11.59 2.05
N THR A 84 -12.71 10.70 1.26
CA THR A 84 -12.14 9.36 1.07
C THR A 84 -10.84 9.37 0.29
N GLN A 85 -10.52 10.44 -0.42
CA GLN A 85 -9.28 10.53 -1.17
C GLN A 85 -8.19 11.29 -0.43
N LEU A 86 -8.45 11.70 0.82
CA LEU A 86 -7.48 12.49 1.58
C LEU A 86 -6.24 11.67 1.89
N THR A 87 -5.07 12.25 1.65
CA THR A 87 -3.81 11.62 2.02
C THR A 87 -3.01 12.37 3.08
N ILE A 88 -3.22 13.67 3.23
CA ILE A 88 -2.57 14.45 4.29
C ILE A 88 -3.62 15.24 5.03
N LEU A 89 -3.63 15.12 6.36
CA LEU A 89 -4.50 15.91 7.23
C LEU A 89 -3.66 16.52 8.33
N ALA A 90 -3.59 17.85 8.37
CA ALA A 90 -2.80 18.57 9.36
C ALA A 90 -3.73 19.29 10.33
N LEU A 91 -3.62 18.93 11.60
CA LEU A 91 -4.41 19.55 12.67
C LEU A 91 -3.52 20.05 13.79
N ASP A 92 -2.22 20.13 13.56
CA ASP A 92 -1.31 20.50 14.63
C ASP A 92 -1.44 21.99 14.96
N SER A 93 -0.95 22.35 16.13
CA SER A 93 -1.04 23.73 16.67
C SER A 93 -2.47 24.24 16.68
N ASN A 94 -3.36 23.45 17.28
CA ASN A 94 -4.68 23.94 17.63
C ASN A 94 -4.84 23.82 19.14
N GLN A 95 -6.08 23.76 19.63
CA GLN A 95 -6.34 23.57 21.05
C GLN A 95 -7.29 22.41 21.26
N LEU A 96 -7.16 21.37 20.43
CA LEU A 96 -8.05 20.21 20.52
C LEU A 96 -7.90 19.53 21.87
N GLN A 97 -9.02 19.43 22.58
CA GLN A 97 -9.05 18.79 23.89
C GLN A 97 -9.46 17.33 23.83
N ALA A 98 -10.18 16.93 22.80
CA ALA A 98 -10.54 15.52 22.62
C ALA A 98 -10.98 15.32 21.17
N LEU A 99 -10.99 14.07 20.75
CA LEU A 99 -11.51 13.70 19.45
C LEU A 99 -12.76 12.82 19.60
N PRO A 100 -13.72 12.94 18.69
CA PRO A 100 -14.89 12.05 18.72
C PRO A 100 -14.56 10.68 18.14
N VAL A 101 -15.39 9.70 18.50
CA VAL A 101 -15.22 8.34 18.00
C VAL A 101 -15.37 8.34 16.50
N GLY A 102 -14.43 7.68 15.81
CA GLY A 102 -14.51 7.50 14.38
C GLY A 102 -14.17 8.69 13.53
N VAL A 103 -13.51 9.72 14.11
CA VAL A 103 -13.28 10.96 13.38
C VAL A 103 -12.44 10.72 12.12
N PHE A 104 -11.55 9.74 12.15
CA PHE A 104 -10.74 9.40 10.98
C PHE A 104 -11.18 8.09 10.32
N GLY A 105 -12.35 7.58 10.67
CA GLY A 105 -12.73 6.23 10.28
C GLY A 105 -12.85 6.01 8.78
N ARG A 106 -13.15 7.06 8.02
CA ARG A 106 -13.34 6.93 6.59
C ARG A 106 -12.15 7.39 5.76
N LEU A 107 -11.09 7.89 6.40
CA LEU A 107 -9.91 8.39 5.68
C LEU A 107 -8.96 7.23 5.39
N VAL A 108 -9.48 6.26 4.63
CA VAL A 108 -8.75 5.00 4.45
C VAL A 108 -7.47 5.18 3.65
N ASP A 109 -7.35 6.26 2.87
CA ASP A 109 -6.14 6.51 2.09
C ASP A 109 -5.17 7.46 2.77
N LEU A 110 -5.44 7.85 4.01
CA LEU A 110 -4.61 8.85 4.68
C LEU A 110 -3.19 8.33 4.85
N GLN A 111 -2.22 9.18 4.51
CA GLN A 111 -0.80 8.84 4.66
C GLN A 111 -0.09 9.62 5.75
N GLN A 112 -0.49 10.87 5.99
CA GLN A 112 0.13 11.70 7.02
C GLN A 112 -0.95 12.32 7.89
N LEU A 113 -0.76 12.25 9.20
CA LEU A 113 -1.69 12.79 10.19
C LEU A 113 -0.90 13.60 11.20
N TYR A 114 -1.19 14.90 11.28
CA TYR A 114 -0.52 15.82 12.19
C TYR A 114 -1.47 16.18 13.31
N LEU A 115 -1.08 15.84 14.55
CA LEU A 115 -1.89 16.14 15.73
C LEU A 115 -1.09 16.82 16.83
N GLY A 116 0.16 17.18 16.57
CA GLY A 116 1.00 17.76 17.59
C GLY A 116 0.51 19.11 18.07
N SER A 117 1.00 19.49 19.25
CA SER A 117 0.73 20.81 19.83
C SER A 117 -0.76 21.09 19.96
N ASN A 118 -1.46 20.15 20.59
CA ASN A 118 -2.84 20.36 20.98
C ASN A 118 -2.99 20.18 22.49
N GLN A 119 -4.19 19.82 22.95
CA GLN A 119 -4.45 19.53 24.35
C GLN A 119 -5.01 18.13 24.52
N LEU A 120 -4.52 17.18 23.73
CA LEU A 120 -5.02 15.83 23.79
C LEU A 120 -4.34 15.07 24.92
N SER A 121 -5.14 14.47 25.80
CA SER A 121 -4.62 13.59 26.84
C SER A 121 -4.96 12.12 26.60
N ALA A 122 -5.78 11.83 25.59
CA ALA A 122 -6.09 10.46 25.18
C ALA A 122 -6.77 10.54 23.82
N LEU A 123 -6.90 9.38 23.18
CA LEU A 123 -7.57 9.24 21.90
C LEU A 123 -8.61 8.14 21.99
N PRO A 124 -9.68 8.22 21.21
CA PRO A 124 -10.62 7.09 21.13
C PRO A 124 -9.89 5.81 20.76
N SER A 125 -10.41 4.69 21.27
CA SER A 125 -9.67 3.44 21.22
C SER A 125 -9.45 2.94 19.79
N ALA A 126 -10.39 3.22 18.89
CA ALA A 126 -10.29 2.76 17.50
C ALA A 126 -9.89 3.86 16.55
N VAL A 127 -9.22 4.91 17.05
CA VAL A 127 -9.03 6.13 16.27
C VAL A 127 -8.22 5.88 15.00
N PHE A 128 -7.25 4.97 15.03
CA PHE A 128 -6.40 4.69 13.88
C PHE A 128 -6.73 3.39 13.17
N ASP A 129 -7.80 2.68 13.57
CA ASP A 129 -7.99 1.30 13.14
C ASP A 129 -8.17 1.18 11.63
N ARG A 130 -8.68 2.21 10.97
CA ARG A 130 -8.92 2.14 9.53
C ARG A 130 -7.80 2.74 8.70
N LEU A 131 -6.80 3.38 9.33
CA LEU A 131 -5.73 4.06 8.62
C LEU A 131 -4.64 3.05 8.26
N VAL A 132 -4.99 2.11 7.38
CA VAL A 132 -4.13 0.98 7.11
C VAL A 132 -2.91 1.38 6.27
N HIS A 133 -2.93 2.54 5.62
CA HIS A 133 -1.82 2.99 4.80
C HIS A 133 -1.02 4.13 5.43
N LEU A 134 -1.30 4.48 6.70
CA LEU A 134 -0.64 5.61 7.32
C LEU A 134 0.88 5.43 7.38
N LYS A 135 1.62 6.47 6.99
CA LYS A 135 3.07 6.45 7.04
C LYS A 135 3.67 7.39 8.07
N GLU A 136 3.02 8.51 8.38
CA GLU A 136 3.57 9.47 9.34
C GLU A 136 2.49 9.85 10.33
N LEU A 137 2.78 9.64 11.61
CA LEU A 137 1.89 10.03 12.71
C LEU A 137 2.69 10.91 13.66
N LEU A 138 2.41 12.22 13.64
CA LEU A 138 3.19 13.17 14.43
C LEU A 138 2.28 13.79 15.49
N MET A 139 2.51 13.41 16.75
CA MET A 139 1.68 13.82 17.89
C MET A 139 2.54 14.32 19.04
N CYS A 140 3.50 15.19 18.74
CA CYS A 140 4.29 15.78 19.82
C CYS A 140 3.42 16.70 20.66
N CYS A 141 3.97 17.12 21.79
CA CYS A 141 3.52 18.33 22.46
C CYS A 141 2.04 18.28 22.84
N ASN A 142 1.58 17.12 23.28
CA ASN A 142 0.27 16.98 23.89
C ASN A 142 0.44 16.56 25.35
N LYS A 143 -0.57 15.87 25.90
CA LYS A 143 -0.53 15.44 27.29
C LYS A 143 -0.84 13.96 27.43
N LEU A 144 -0.46 13.17 26.44
CA LEU A 144 -0.75 11.74 26.44
C LEU A 144 -0.01 11.04 27.57
N THR A 145 -0.72 10.17 28.29
CA THR A 145 -0.10 9.39 29.36
C THR A 145 0.09 7.93 29.03
N GLU A 146 -0.48 7.45 27.92
CA GLU A 146 -0.29 6.08 27.47
C GLU A 146 -0.20 6.13 25.95
N LEU A 147 0.49 5.16 25.39
CA LEU A 147 0.52 5.02 23.94
C LEU A 147 -0.89 4.75 23.44
N PRO A 148 -1.43 5.56 22.54
CA PRO A 148 -2.79 5.32 22.05
C PRO A 148 -2.93 3.93 21.45
N ARG A 149 -4.00 3.23 21.83
CA ARG A 149 -4.32 1.94 21.26
C ARG A 149 -4.47 2.04 19.75
N GLY A 150 -3.86 1.10 19.02
CA GLY A 150 -3.95 1.03 17.58
C GLY A 150 -2.64 1.31 16.87
N ILE A 151 -1.74 2.07 17.51
CA ILE A 151 -0.48 2.42 16.87
C ILE A 151 0.34 1.18 16.54
N GLU A 152 0.27 0.14 17.38
CA GLU A 152 1.07 -1.05 17.14
C GLU A 152 0.71 -1.77 15.84
N ARG A 153 -0.42 -1.43 15.23
CA ARG A 153 -0.86 -2.06 14.00
C ARG A 153 -0.67 -1.18 12.76
N LEU A 154 -0.05 0.00 12.92
CA LEU A 154 0.25 0.87 11.78
C LEU A 154 1.61 0.48 11.20
N THR A 155 1.62 -0.67 10.50
CA THR A 155 2.86 -1.31 10.10
C THR A 155 3.62 -0.53 9.04
N HIS A 156 2.98 0.41 8.36
CA HIS A 156 3.64 1.16 7.29
C HIS A 156 4.23 2.47 7.77
N LEU A 157 4.17 2.76 9.07
CA LEU A 157 4.72 4.01 9.60
C LEU A 157 6.22 4.12 9.30
N THR A 158 6.61 5.28 8.77
CA THR A 158 8.02 5.66 8.73
C THR A 158 8.37 6.70 9.78
N HIS A 159 7.42 7.53 10.18
CA HIS A 159 7.65 8.60 11.16
C HIS A 159 6.62 8.46 12.27
N LEU A 160 7.10 8.43 13.51
CA LEU A 160 6.23 8.40 14.68
C LEU A 160 6.78 9.38 15.71
N ALA A 161 6.05 10.46 15.96
CA ALA A 161 6.49 11.51 16.88
C ALA A 161 5.64 11.47 18.14
N LEU A 162 6.26 11.16 19.27
CA LEU A 162 5.60 11.10 20.56
C LEU A 162 6.27 12.01 21.59
N ASP A 163 7.19 12.86 21.15
CA ASP A 163 7.97 13.68 22.06
C ASP A 163 7.10 14.71 22.77
N GLN A 164 7.56 15.12 23.96
CA GLN A 164 6.92 16.19 24.73
C GLN A 164 5.48 15.83 25.10
N ASN A 165 5.26 14.57 25.49
CA ASN A 165 4.01 14.14 26.08
C ASN A 165 4.26 13.79 27.55
N GLN A 166 3.45 12.90 28.10
CA GLN A 166 3.61 12.52 29.49
C GLN A 166 3.72 11.01 29.62
N LEU A 167 4.33 10.37 28.62
CA LEU A 167 4.44 8.92 28.61
C LEU A 167 5.45 8.46 29.65
N LYS A 168 5.10 7.38 30.35
CA LYS A 168 5.99 6.77 31.34
C LYS A 168 6.61 5.48 30.85
N SER A 169 5.95 4.78 29.94
CA SER A 169 6.49 3.57 29.34
C SER A 169 5.76 3.31 28.03
N ILE A 170 6.23 2.30 27.30
CA ILE A 170 5.63 1.83 26.06
C ILE A 170 5.16 0.41 26.30
N PRO A 171 3.91 0.06 25.94
CA PRO A 171 3.45 -1.32 26.19
C PRO A 171 4.32 -2.33 25.46
N HIS A 172 4.53 -3.46 26.12
CA HIS A 172 5.42 -4.48 25.60
C HIS A 172 5.06 -4.87 24.17
N GLY A 173 6.06 -4.86 23.29
CA GLY A 173 5.88 -5.24 21.91
C GLY A 173 5.25 -4.21 21.00
N ALA A 174 4.92 -3.02 21.50
CA ALA A 174 4.12 -2.06 20.74
C ALA A 174 4.77 -1.63 19.44
N PHE A 175 6.11 -1.59 19.39
CA PHE A 175 6.82 -1.12 18.20
C PHE A 175 7.35 -2.27 17.34
N ASP A 176 7.12 -3.53 17.73
CA ASP A 176 7.85 -4.63 17.10
C ASP A 176 7.42 -4.88 15.66
N ARG A 177 6.18 -4.55 15.30
CA ARG A 177 5.72 -4.71 13.93
C ARG A 177 5.84 -3.44 13.11
N LEU A 178 6.41 -2.38 13.67
CA LEU A 178 6.63 -1.13 12.95
C LEU A 178 7.99 -1.16 12.26
N SER A 179 8.12 -2.14 11.36
CA SER A 179 9.40 -2.48 10.75
C SER A 179 9.85 -1.50 9.67
N SER A 180 9.04 -0.51 9.30
CA SER A 180 9.44 0.48 8.33
C SER A 180 9.83 1.81 8.97
N LEU A 181 9.89 1.87 10.29
CA LEU A 181 10.22 3.11 10.98
C LEU A 181 11.61 3.59 10.63
N THR A 182 11.71 4.87 10.27
CA THR A 182 12.98 5.55 10.11
C THR A 182 13.15 6.74 11.05
N HIS A 183 12.07 7.28 11.60
CA HIS A 183 12.13 8.43 12.49
C HIS A 183 11.19 8.18 13.67
N ALA A 184 11.75 8.02 14.86
CA ALA A 184 10.97 7.88 16.09
C ALA A 184 11.41 8.95 17.07
N TYR A 185 10.47 9.77 17.54
CA TYR A 185 10.76 10.86 18.45
C TYR A 185 10.21 10.51 19.82
N LEU A 186 11.10 10.43 20.81
CA LEU A 186 10.74 9.97 22.15
C LEU A 186 11.17 10.92 23.26
N PHE A 187 11.93 11.96 22.96
CA PHE A 187 12.45 12.86 23.98
C PHE A 187 11.33 13.64 24.66
N GLY A 188 11.67 14.32 25.75
CA GLY A 188 10.69 15.14 26.43
C GLY A 188 9.57 14.38 27.09
N ASN A 189 9.76 13.08 27.36
CA ASN A 189 8.80 12.28 28.11
C ASN A 189 9.36 11.85 29.46
N PRO A 190 8.56 11.82 30.49
CA PRO A 190 9.02 11.41 31.83
C PRO A 190 9.06 9.88 31.98
N TRP A 191 9.95 9.25 31.22
CA TRP A 191 10.06 7.80 31.24
C TRP A 191 10.39 7.32 32.66
N ASP A 192 9.59 6.37 33.14
CA ASP A 192 9.66 5.91 34.53
C ASP A 192 10.58 4.70 34.57
N CYS A 193 11.88 4.96 34.79
CA CYS A 193 12.90 3.93 34.63
C CYS A 193 13.08 3.05 35.86
N GLU A 194 12.44 3.38 36.98
CA GLU A 194 12.41 2.46 38.12
C GLU A 194 11.36 1.38 37.95
N CYS A 195 10.34 1.63 37.13
CA CYS A 195 9.28 0.66 36.90
C CYS A 195 9.73 -0.40 35.92
N ARG A 196 9.42 -1.67 36.22
CA ARG A 196 9.84 -2.79 35.38
C ARG A 196 9.33 -2.66 33.95
N ASP A 197 8.19 -1.98 33.74
CA ASP A 197 7.62 -1.87 32.39
C ASP A 197 8.53 -1.11 31.41
N ILE A 198 9.49 -0.33 31.90
CA ILE A 198 10.37 0.42 31.02
C ILE A 198 11.27 -0.49 30.17
N MET A 199 11.41 -1.77 30.56
CA MET A 199 12.39 -2.64 29.93
C MET A 199 12.13 -2.82 28.44
N TYR A 200 10.87 -2.87 28.01
CA TYR A 200 10.60 -3.03 26.58
C TYR A 200 11.17 -1.86 25.78
N LEU A 201 10.86 -0.63 26.18
CA LEU A 201 11.41 0.52 25.48
C LEU A 201 12.94 0.50 25.51
N ARG A 202 13.51 0.20 26.67
CA ARG A 202 14.96 0.08 26.79
C ARG A 202 15.51 -0.90 25.76
N ASN A 203 14.93 -2.11 25.72
CA ASN A 203 15.40 -3.13 24.80
C ASN A 203 15.19 -2.74 23.35
N TRP A 204 14.06 -2.07 23.06
CA TRP A 204 13.78 -1.68 21.69
C TRP A 204 14.73 -0.60 21.21
N VAL A 205 14.95 0.43 22.04
CA VAL A 205 15.88 1.50 21.67
C VAL A 205 17.28 0.94 21.43
N ALA A 206 17.73 0.04 22.30
CA ALA A 206 19.07 -0.55 22.16
C ALA A 206 19.23 -1.25 20.83
N ASP A 207 18.14 -1.76 20.25
CA ASP A 207 18.20 -2.43 18.96
C ASP A 207 17.91 -1.52 17.78
N HIS A 208 17.52 -0.27 18.00
CA HIS A 208 17.10 0.62 16.93
C HIS A 208 17.72 2.00 17.13
N THR A 209 19.02 2.03 17.41
CA THR A 209 19.67 3.28 17.77
C THR A 209 19.64 4.30 16.64
N SER A 210 19.54 3.84 15.38
CA SER A 210 19.63 4.75 14.24
C SER A 210 18.33 5.49 13.93
N ILE A 211 17.20 5.09 14.50
CA ILE A 211 15.93 5.72 14.16
C ILE A 211 15.38 6.59 15.27
N VAL A 212 16.00 6.59 16.44
CA VAL A 212 15.58 7.46 17.54
C VAL A 212 16.16 8.83 17.32
N MET A 213 15.28 9.83 17.22
CA MET A 213 15.64 11.18 16.78
C MET A 213 15.33 12.21 17.86
N ARG A 214 16.21 13.20 17.99
CA ARG A 214 15.90 14.45 18.67
C ARG A 214 15.60 15.53 17.63
N TRP A 215 15.30 16.73 18.09
CA TRP A 215 14.87 17.79 17.19
C TRP A 215 15.54 19.10 17.58
N ASP A 216 16.51 19.56 16.79
CA ASP A 216 16.97 20.94 16.86
C ASP A 216 16.68 21.55 15.50
N GLY A 217 15.43 21.98 15.30
CA GLY A 217 14.95 22.45 14.04
C GLY A 217 14.78 21.41 12.96
N LYS A 218 15.23 20.18 13.20
CA LYS A 218 15.22 19.10 12.22
C LYS A 218 15.63 17.82 12.94
N ALA A 219 15.37 16.69 12.28
CA ALA A 219 15.69 15.40 12.88
C ALA A 219 17.19 15.21 13.02
N VAL A 220 17.63 14.88 14.22
CA VAL A 220 19.02 14.51 14.48
C VAL A 220 19.02 13.19 15.25
N ASN A 221 19.73 12.20 14.72
CA ASN A 221 19.80 10.89 15.36
C ASN A 221 20.49 11.00 16.72
N ASP A 222 19.80 10.56 17.76
CA ASP A 222 20.29 10.63 19.13
C ASP A 222 19.59 9.58 19.97
N PRO A 223 20.14 8.36 20.07
CA PRO A 223 19.48 7.31 20.87
C PRO A 223 19.45 7.59 22.35
N ASP A 224 20.23 8.55 22.84
CA ASP A 224 20.21 8.90 24.26
C ASP A 224 19.14 9.94 24.58
N SER A 225 18.38 10.40 23.59
CA SER A 225 17.44 11.49 23.84
C SER A 225 16.18 11.04 24.57
N ALA A 226 15.90 9.73 24.60
CA ALA A 226 14.87 9.19 25.48
C ALA A 226 15.48 9.06 26.87
N LYS A 227 15.06 9.91 27.80
CA LYS A 227 15.72 10.07 29.08
C LYS A 227 14.80 9.69 30.22
N CYS A 228 15.40 9.13 31.26
CA CYS A 228 14.66 8.76 32.46
C CYS A 228 14.24 10.00 33.22
N ALA A 229 13.01 9.98 33.75
CA ALA A 229 12.58 11.05 34.63
C ALA A 229 13.40 11.04 35.92
N GLY A 230 13.70 12.23 36.43
CA GLY A 230 14.47 12.33 37.64
C GLY A 230 15.97 12.35 37.43
N THR A 231 16.54 11.21 37.03
CA THR A 231 17.98 11.13 36.77
C THR A 231 18.38 11.72 35.43
N ASN A 232 17.46 11.79 34.48
CA ASN A 232 17.71 12.26 33.11
C ASN A 232 18.92 11.59 32.49
N THR A 233 19.06 10.35 32.74
CA THR A 233 19.96 9.32 32.29
C THR A 233 19.31 8.55 31.13
N PRO A 234 20.07 8.05 30.16
CA PRO A 234 19.44 7.45 28.98
C PRO A 234 18.62 6.21 29.32
N VAL A 235 17.43 6.14 28.70
CA VAL A 235 16.53 5.00 28.91
C VAL A 235 17.20 3.70 28.44
N ARG A 236 17.91 3.76 27.32
CA ARG A 236 18.53 2.56 26.76
C ARG A 236 19.63 1.99 27.64
N ALA A 237 20.12 2.75 28.63
CA ALA A 237 21.16 2.30 29.53
C ALA A 237 20.62 1.63 30.79
N VAL A 238 19.31 1.67 31.01
CA VAL A 238 18.73 1.08 32.22
C VAL A 238 19.07 -0.40 32.30
N THR A 239 19.46 -0.84 33.50
CA THR A 239 19.64 -2.26 33.75
C THR A 239 18.37 -2.82 34.34
N GLU A 240 18.07 -4.07 33.98
CA GLU A 240 16.85 -4.70 34.46
C GLU A 240 16.88 -4.83 35.98
N ALA A 241 18.05 -5.17 36.54
CA ALA A 241 18.18 -5.36 37.98
C ALA A 241 17.80 -4.10 38.77
N SER A 242 17.97 -2.92 38.18
CA SER A 242 17.62 -1.68 38.85
C SER A 242 16.12 -1.39 38.82
N THR A 243 15.33 -2.20 38.12
CA THR A 243 13.90 -1.98 38.00
C THR A 243 13.14 -2.97 38.88
N SER A 244 11.85 -2.67 39.08
CA SER A 244 11.01 -3.50 39.94
C SER A 244 9.56 -3.36 39.52
N PRO A 245 8.81 -4.46 39.50
CA PRO A 245 7.36 -4.34 39.22
C PRO A 245 6.62 -3.56 40.30
N SER A 246 7.12 -3.55 41.53
CA SER A 246 6.46 -2.85 42.62
C SER A 246 6.65 -1.33 42.58
N LYS A 247 7.46 -0.82 41.67
CA LYS A 247 7.73 0.60 41.58
C LYS A 247 7.02 1.25 40.40
N CYS A 248 5.88 0.68 39.99
CA CYS A 248 5.10 1.15 38.86
C CYS A 248 3.84 1.86 39.34
N PRO A 249 3.44 2.95 38.65
CA PRO A 249 2.26 3.76 39.03
C PRO A 249 0.99 2.95 39.19
N CYS B 9 14.60 -35.23 -10.98
CA CYS B 9 13.29 -35.79 -10.65
C CYS B 9 13.41 -37.02 -9.77
N PRO B 10 12.59 -37.11 -8.72
CA PRO B 10 12.53 -38.34 -7.94
C PRO B 10 12.10 -39.50 -8.81
N SER B 11 12.68 -40.68 -8.52
CA SER B 11 12.47 -41.85 -9.36
C SER B 11 11.01 -42.31 -9.39
N GLN B 12 10.25 -42.01 -8.35
CA GLN B 12 8.86 -42.45 -8.28
C GLN B 12 7.88 -41.43 -8.84
N CYS B 13 8.34 -40.22 -9.11
CA CYS B 13 7.49 -39.12 -9.55
C CYS B 13 7.75 -38.78 -11.02
N SER B 14 6.91 -37.92 -11.58
CA SER B 14 7.11 -37.37 -12.92
C SER B 14 7.27 -35.87 -12.82
N CYS B 15 8.18 -35.32 -13.62
CA CYS B 15 8.53 -33.90 -13.56
C CYS B 15 8.50 -33.28 -14.94
N SER B 16 8.03 -32.04 -15.02
CA SER B 16 8.08 -31.25 -16.25
C SER B 16 8.15 -29.79 -15.85
N GLY B 17 9.07 -29.05 -16.48
CA GLY B 17 9.25 -27.66 -16.11
C GLY B 17 9.71 -27.53 -14.66
N THR B 18 8.99 -26.75 -13.87
CA THR B 18 9.27 -26.59 -12.45
C THR B 18 8.20 -27.23 -11.58
N THR B 19 7.44 -28.16 -12.13
CA THR B 19 6.39 -28.88 -11.42
C THR B 19 6.84 -30.31 -11.17
N VAL B 20 6.74 -30.75 -9.92
CA VAL B 20 7.08 -32.10 -9.52
C VAL B 20 5.81 -32.80 -9.08
N ASN B 21 5.45 -33.89 -9.76
CA ASN B 21 4.22 -34.62 -9.50
C ASN B 21 4.56 -35.92 -8.79
N CYS B 22 4.42 -35.92 -7.46
CA CYS B 22 4.54 -37.12 -6.65
C CYS B 22 3.19 -37.56 -6.10
N LYS B 23 2.11 -37.16 -6.76
CA LYS B 23 0.77 -37.48 -6.29
C LYS B 23 0.42 -38.93 -6.56
N SER B 24 -0.24 -39.56 -5.59
CA SER B 24 -0.78 -40.92 -5.74
C SER B 24 0.30 -41.91 -6.14
N LYS B 25 1.40 -41.91 -5.38
CA LYS B 25 2.53 -42.79 -5.63
C LYS B 25 2.83 -43.70 -4.45
N SER B 26 1.90 -43.82 -3.50
CA SER B 26 2.06 -44.68 -2.32
C SER B 26 3.33 -44.33 -1.53
N LEU B 27 3.69 -43.06 -1.52
CA LEU B 27 4.90 -42.63 -0.84
C LEU B 27 4.67 -42.59 0.67
N ALA B 28 5.63 -43.15 1.42
CA ALA B 28 5.62 -43.09 2.87
C ALA B 28 6.49 -41.96 3.41
N SER B 29 7.30 -41.33 2.55
CA SER B 29 8.18 -40.24 2.94
C SER B 29 8.46 -39.37 1.71
N VAL B 30 8.95 -38.17 1.97
CA VAL B 30 9.30 -37.24 0.89
C VAL B 30 10.52 -37.79 0.16
N PRO B 31 10.41 -38.05 -1.14
CA PRO B 31 11.54 -38.66 -1.86
C PRO B 31 12.65 -37.66 -2.13
N ALA B 32 13.85 -38.21 -2.31
CA ALA B 32 14.99 -37.40 -2.68
C ALA B 32 14.90 -37.01 -4.16
N GLY B 33 15.60 -35.95 -4.52
CA GLY B 33 15.71 -35.54 -5.91
C GLY B 33 14.74 -34.48 -6.35
N ILE B 34 14.05 -33.81 -5.43
CA ILE B 34 13.21 -32.69 -5.81
C ILE B 34 14.14 -31.52 -6.12
N PRO B 35 14.16 -30.99 -7.34
CA PRO B 35 15.09 -29.92 -7.66
C PRO B 35 14.77 -28.66 -6.85
N THR B 36 15.82 -27.97 -6.42
CA THR B 36 15.63 -26.70 -5.72
C THR B 36 14.95 -25.67 -6.60
N THR B 37 14.85 -25.94 -7.91
CA THR B 37 14.15 -25.06 -8.84
C THR B 37 12.63 -25.24 -8.79
N THR B 38 12.14 -26.26 -8.09
CA THR B 38 10.71 -26.58 -8.08
C THR B 38 9.87 -25.44 -7.54
N ARG B 39 8.77 -25.16 -8.23
CA ARG B 39 7.79 -24.15 -7.84
C ARG B 39 6.44 -24.74 -7.48
N VAL B 40 6.09 -25.91 -8.02
CA VAL B 40 4.84 -26.61 -7.69
C VAL B 40 5.21 -28.04 -7.30
N LEU B 41 4.80 -28.44 -6.10
CA LEU B 41 5.15 -29.76 -5.57
C LEU B 41 3.87 -30.48 -5.14
N TYR B 42 3.50 -31.52 -5.89
CA TYR B 42 2.37 -32.37 -5.55
C TYR B 42 2.88 -33.53 -4.72
N LEU B 43 2.51 -33.55 -3.44
CA LEU B 43 2.77 -34.69 -2.56
C LEU B 43 1.47 -35.27 -2.01
N ASN B 44 0.34 -34.95 -2.63
CA ASN B 44 -0.96 -35.34 -2.11
C ASN B 44 -1.29 -36.78 -2.46
N ASP B 45 -2.20 -37.35 -1.66
CA ASP B 45 -2.71 -38.71 -1.83
C ASP B 45 -1.57 -39.72 -1.73
N ASN B 46 -0.92 -39.71 -0.58
CA ASN B 46 0.13 -40.69 -0.28
C ASN B 46 -0.09 -41.20 1.14
N GLN B 47 0.93 -41.82 1.72
CA GLN B 47 0.84 -42.33 3.08
C GLN B 47 1.96 -41.77 3.93
N ILE B 48 2.24 -40.48 3.77
CA ILE B 48 3.28 -39.82 4.55
C ILE B 48 2.78 -39.61 5.97
N THR B 49 3.47 -40.21 6.93
CA THR B 49 3.08 -40.12 8.34
C THR B 49 3.79 -39.01 9.10
N LYS B 50 4.93 -38.51 8.61
CA LYS B 50 5.58 -37.42 9.32
C LYS B 50 6.49 -36.67 8.38
N LEU B 51 6.72 -35.39 8.71
CA LEU B 51 7.62 -34.51 7.99
C LEU B 51 8.69 -34.03 8.95
N GLU B 52 9.94 -34.19 8.55
CA GLU B 52 11.08 -33.82 9.36
C GLU B 52 11.30 -32.32 9.27
N PRO B 53 11.80 -31.68 10.33
CA PRO B 53 12.16 -30.27 10.22
C PRO B 53 13.26 -30.08 9.20
N GLY B 54 13.09 -29.10 8.33
CA GLY B 54 14.10 -28.88 7.31
C GLY B 54 13.93 -29.67 6.03
N VAL B 55 12.94 -30.55 5.95
CA VAL B 55 12.79 -31.36 4.73
C VAL B 55 12.55 -30.46 3.52
N PHE B 56 11.95 -29.29 3.73
CA PHE B 56 11.66 -28.35 2.65
C PHE B 56 12.63 -27.17 2.59
N ASP B 57 13.64 -27.11 3.46
CA ASP B 57 14.50 -25.92 3.54
C ASP B 57 15.17 -25.58 2.21
N ARG B 58 15.48 -26.58 1.39
CA ARG B 58 16.18 -26.30 0.14
C ARG B 58 15.25 -25.77 -0.95
N LEU B 59 13.94 -25.94 -0.79
CA LEU B 59 12.98 -25.65 -1.86
C LEU B 59 12.43 -24.24 -1.72
N VAL B 60 13.33 -23.26 -1.76
CA VAL B 60 12.97 -21.87 -1.46
C VAL B 60 12.10 -21.24 -2.55
N ASN B 61 11.95 -21.87 -3.70
CA ASN B 61 11.17 -21.31 -4.79
C ASN B 61 9.75 -21.84 -4.85
N LEU B 62 9.35 -22.71 -3.91
CA LEU B 62 8.00 -23.25 -3.95
C LEU B 62 6.95 -22.14 -3.85
N GLN B 63 5.96 -22.21 -4.73
CA GLN B 63 4.78 -21.35 -4.61
C GLN B 63 3.52 -22.13 -4.26
N THR B 64 3.49 -23.43 -4.53
CA THR B 64 2.31 -24.24 -4.27
C THR B 64 2.75 -25.59 -3.74
N LEU B 65 2.23 -25.98 -2.58
CA LEU B 65 2.64 -27.20 -1.89
C LEU B 65 1.40 -27.98 -1.48
N TRP B 66 1.25 -29.18 -2.02
CA TRP B 66 0.07 -30.01 -1.76
C TRP B 66 0.48 -31.19 -0.87
N LEU B 67 0.11 -31.12 0.41
CA LEU B 67 0.31 -32.22 1.33
C LEU B 67 -0.99 -32.89 1.75
N ASN B 68 -2.08 -32.60 1.05
CA ASN B 68 -3.39 -33.12 1.40
C ASN B 68 -3.47 -34.63 1.17
N ASN B 69 -4.39 -35.27 1.90
CA ASN B 69 -4.64 -36.71 1.81
C ASN B 69 -3.38 -37.51 2.11
N ASN B 70 -2.86 -37.30 3.31
CA ASN B 70 -1.77 -38.12 3.83
C ASN B 70 -2.16 -38.58 5.23
N GLN B 71 -1.17 -38.92 6.05
CA GLN B 71 -1.39 -39.44 7.38
C GLN B 71 -0.61 -38.64 8.41
N LEU B 72 -0.55 -37.32 8.24
CA LEU B 72 0.17 -36.46 9.15
C LEU B 72 -0.62 -36.26 10.44
N THR B 73 0.05 -36.44 11.58
CA THR B 73 -0.55 -36.19 12.88
C THR B 73 -0.04 -34.94 13.57
N SER B 74 1.17 -34.49 13.23
CA SER B 74 1.70 -33.23 13.74
C SER B 74 2.69 -32.67 12.73
N LEU B 75 3.02 -31.39 12.91
CA LEU B 75 4.02 -30.72 12.11
C LEU B 75 5.10 -30.15 13.01
N PRO B 76 6.38 -30.31 12.67
CA PRO B 76 7.44 -29.71 13.49
C PRO B 76 7.47 -28.21 13.31
N ALA B 77 7.87 -27.52 14.37
CA ALA B 77 7.98 -26.07 14.32
C ALA B 77 9.01 -25.67 13.26
N GLY B 78 8.69 -24.61 12.51
CA GLY B 78 9.56 -24.10 11.48
C GLY B 78 9.57 -24.87 10.18
N LEU B 79 8.67 -25.85 10.04
CA LEU B 79 8.64 -26.69 8.84
C LEU B 79 8.59 -25.87 7.56
N PHE B 80 7.83 -24.77 7.54
CA PHE B 80 7.60 -24.00 6.33
C PHE B 80 8.41 -22.70 6.29
N ASP B 81 9.33 -22.48 7.23
CA ASP B 81 9.92 -21.15 7.39
C ASP B 81 10.73 -20.71 6.17
N SER B 82 11.23 -21.62 5.36
CA SER B 82 12.00 -21.23 4.19
C SER B 82 11.14 -20.92 2.97
N LEU B 83 9.84 -21.22 3.01
CA LEU B 83 9.00 -21.17 1.82
C LEU B 83 8.29 -19.82 1.70
N THR B 84 9.10 -18.76 1.63
CA THR B 84 8.56 -17.40 1.66
C THR B 84 7.75 -17.05 0.41
N GLN B 85 7.89 -17.80 -0.68
CA GLN B 85 7.13 -17.52 -1.90
C GLN B 85 5.85 -18.32 -2.00
N LEU B 86 5.53 -19.12 -0.98
CA LEU B 86 4.37 -20.00 -1.04
C LEU B 86 3.09 -19.19 -1.07
N THR B 87 2.19 -19.53 -2.00
CA THR B 87 0.88 -18.92 -2.07
C THR B 87 -0.26 -19.90 -1.82
N ILE B 88 -0.05 -21.19 -2.03
CA ILE B 88 -1.05 -22.21 -1.74
C ILE B 88 -0.41 -23.29 -0.88
N LEU B 89 -1.04 -23.59 0.26
CA LEU B 89 -0.60 -24.67 1.13
C LEU B 89 -1.82 -25.53 1.48
N ALA B 90 -1.79 -26.79 1.07
CA ALA B 90 -2.90 -27.70 1.31
C ALA B 90 -2.48 -28.75 2.33
N LEU B 91 -3.19 -28.79 3.45
CA LEU B 91 -2.93 -29.77 4.49
C LEU B 91 -4.20 -30.53 4.87
N ASP B 92 -5.26 -30.43 4.06
CA ASP B 92 -6.53 -31.05 4.40
C ASP B 92 -6.44 -32.57 4.26
N SER B 93 -7.41 -33.25 4.88
CA SER B 93 -7.47 -34.71 4.91
C SER B 93 -6.18 -35.32 5.43
N ASN B 94 -5.76 -34.87 6.61
CA ASN B 94 -4.75 -35.57 7.39
C ASN B 94 -5.37 -35.93 8.73
N GLN B 95 -4.55 -36.14 9.76
CA GLN B 95 -5.04 -36.38 11.11
C GLN B 95 -4.34 -35.46 12.10
N LEU B 96 -4.09 -34.22 11.67
CA LEU B 96 -3.42 -33.25 12.52
C LEU B 96 -4.23 -33.00 13.79
N GLN B 97 -3.61 -33.24 14.94
CA GLN B 97 -4.28 -33.02 16.21
C GLN B 97 -4.02 -31.63 16.78
N ALA B 98 -2.92 -30.99 16.37
CA ALA B 98 -2.61 -29.64 16.81
C ALA B 98 -1.59 -29.05 15.84
N LEU B 99 -1.45 -27.72 15.89
CA LEU B 99 -0.40 -27.02 15.16
C LEU B 99 0.56 -26.34 16.13
N PRO B 100 1.84 -26.25 15.77
CA PRO B 100 2.80 -25.53 16.60
C PRO B 100 2.67 -24.02 16.41
N VAL B 101 3.17 -23.30 17.41
CA VAL B 101 3.15 -21.84 17.36
C VAL B 101 3.99 -21.36 16.20
N GLY B 102 3.44 -20.42 15.42
CA GLY B 102 4.19 -19.78 14.34
C GLY B 102 4.39 -20.61 13.11
N VAL B 103 3.63 -21.70 12.94
CA VAL B 103 3.87 -22.64 11.83
C VAL B 103 3.72 -21.96 10.48
N PHE B 104 2.85 -20.96 10.37
CA PHE B 104 2.68 -20.22 9.13
C PHE B 104 3.27 -18.81 9.20
N GLY B 105 4.09 -18.53 10.22
CA GLY B 105 4.52 -17.17 10.50
C GLY B 105 5.33 -16.50 9.41
N ARG B 106 5.99 -17.27 8.55
CA ARG B 106 6.84 -16.71 7.52
C ARG B 106 6.24 -16.80 6.13
N LEU B 107 4.99 -17.29 6.02
CA LEU B 107 4.32 -17.43 4.73
C LEU B 107 3.53 -16.15 4.40
N VAL B 108 4.25 -15.04 4.31
CA VAL B 108 3.61 -13.74 4.18
C VAL B 108 2.86 -13.58 2.87
N ASP B 109 3.18 -14.37 1.85
CA ASP B 109 2.53 -14.28 0.55
C ASP B 109 1.41 -15.31 0.36
N LEU B 110 1.08 -16.07 1.40
CA LEU B 110 0.09 -17.13 1.27
C LEU B 110 -1.28 -16.57 0.92
N GLN B 111 -1.94 -17.20 -0.06
CA GLN B 111 -3.29 -16.82 -0.46
C GLN B 111 -4.34 -17.84 -0.10
N GLN B 112 -4.01 -19.14 -0.12
CA GLN B 112 -4.98 -20.19 0.18
C GLN B 112 -4.38 -21.14 1.21
N LEU B 113 -5.16 -21.46 2.23
CA LEU B 113 -4.74 -22.37 3.30
C LEU B 113 -5.83 -23.39 3.54
N TYR B 114 -5.52 -24.67 3.31
CA TYR B 114 -6.47 -25.76 3.47
C TYR B 114 -6.13 -26.54 4.73
N LEU B 115 -7.07 -26.56 5.68
CA LEU B 115 -6.88 -27.28 6.94
C LEU B 115 -8.06 -28.18 7.27
N GLY B 116 -9.01 -28.33 6.35
CA GLY B 116 -10.19 -29.12 6.63
C GLY B 116 -9.89 -30.59 6.82
N SER B 117 -10.84 -31.27 7.46
CA SER B 117 -10.80 -32.73 7.63
C SER B 117 -9.52 -33.17 8.34
N ASN B 118 -9.25 -32.53 9.47
CA ASN B 118 -8.19 -33.00 10.35
C ASN B 118 -8.80 -33.34 11.71
N GLN B 119 -7.99 -33.29 12.77
CA GLN B 119 -8.47 -33.55 14.13
C GLN B 119 -8.18 -32.35 15.02
N LEU B 120 -8.29 -31.14 14.46
CA LEU B 120 -7.96 -29.93 15.19
C LEU B 120 -9.14 -29.49 16.04
N SER B 121 -8.88 -29.25 17.33
CA SER B 121 -9.88 -28.70 18.22
C SER B 121 -9.58 -27.26 18.62
N ALA B 122 -8.43 -26.73 18.23
CA ALA B 122 -8.08 -25.33 18.46
C ALA B 122 -6.86 -25.02 17.61
N LEU B 123 -6.55 -23.73 17.51
CA LEU B 123 -5.39 -23.24 16.79
C LEU B 123 -4.57 -22.32 17.69
N PRO B 124 -3.26 -22.23 17.47
CA PRO B 124 -2.47 -21.24 18.21
C PRO B 124 -3.04 -19.84 18.01
N SER B 125 -2.91 -19.02 19.05
CA SER B 125 -3.64 -17.76 19.08
C SER B 125 -3.19 -16.80 17.98
N ALA B 126 -1.92 -16.84 17.61
CA ALA B 126 -1.37 -15.94 16.59
C ALA B 126 -1.14 -16.64 15.26
N VAL B 127 -1.86 -17.74 14.99
CA VAL B 127 -1.53 -18.62 13.87
C VAL B 127 -1.65 -17.90 12.52
N PHE B 128 -2.59 -16.96 12.39
CA PHE B 128 -2.81 -16.28 11.10
C PHE B 128 -2.26 -14.85 11.09
N ASP B 129 -1.59 -14.41 12.15
CA ASP B 129 -1.32 -12.99 12.33
C ASP B 129 -0.42 -12.41 11.24
N ARG B 130 0.44 -13.22 10.63
CA ARG B 130 1.32 -12.73 9.58
C ARG B 130 0.81 -13.02 8.17
N LEU B 131 -0.30 -13.72 8.04
CA LEU B 131 -0.88 -14.05 6.73
C LEU B 131 -1.69 -12.86 6.20
N VAL B 132 -0.97 -11.79 5.88
CA VAL B 132 -1.59 -10.51 5.55
C VAL B 132 -2.26 -10.52 4.18
N HIS B 133 -1.95 -11.48 3.32
CA HIS B 133 -2.58 -11.57 2.01
C HIS B 133 -3.56 -12.74 1.89
N LEU B 134 -3.88 -13.41 2.99
CA LEU B 134 -4.71 -14.62 2.88
C LEU B 134 -6.07 -14.30 2.27
N LYS B 135 -6.47 -15.10 1.29
CA LYS B 135 -7.74 -14.94 0.62
C LYS B 135 -8.72 -16.07 0.90
N GLU B 136 -8.26 -17.30 1.11
CA GLU B 136 -9.13 -18.44 1.35
C GLU B 136 -8.63 -19.23 2.55
N LEU B 137 -9.50 -19.40 3.54
CA LEU B 137 -9.23 -20.20 4.73
C LEU B 137 -10.32 -21.27 4.83
N LEU B 138 -9.93 -22.52 4.55
CA LEU B 138 -10.88 -23.63 4.46
C LEU B 138 -10.57 -24.63 5.57
N MET B 139 -11.42 -24.66 6.60
CA MET B 139 -11.21 -25.47 7.79
C MET B 139 -12.45 -26.25 8.18
N CYS B 140 -13.13 -26.87 7.21
CA CYS B 140 -14.27 -27.69 7.56
C CYS B 140 -13.82 -28.91 8.36
N CYS B 141 -14.81 -29.60 8.93
CA CYS B 141 -14.66 -31.01 9.30
C CYS B 141 -13.52 -31.21 10.29
N ASN B 142 -13.41 -30.29 11.24
CA ASN B 142 -12.53 -30.48 12.38
C ASN B 142 -13.35 -30.54 13.66
N LYS B 143 -12.77 -30.16 14.79
CA LYS B 143 -13.44 -30.22 16.09
C LYS B 143 -13.39 -28.88 16.79
N LEU B 144 -13.38 -27.80 16.04
CA LEU B 144 -13.29 -26.47 16.63
C LEU B 144 -14.55 -26.15 17.43
N THR B 145 -14.35 -25.62 18.64
CA THR B 145 -15.46 -25.21 19.48
C THR B 145 -15.60 -23.69 19.60
N GLU B 146 -14.63 -22.93 19.11
CA GLU B 146 -14.68 -21.48 19.08
C GLU B 146 -14.06 -21.02 17.78
N LEU B 147 -14.48 -19.86 17.31
CA LEU B 147 -13.84 -19.25 16.15
C LEU B 147 -12.39 -18.96 16.47
N PRO B 148 -11.43 -19.50 15.70
CA PRO B 148 -10.01 -19.26 16.00
C PRO B 148 -9.69 -17.77 16.02
N ARG B 149 -8.98 -17.36 17.06
CA ARG B 149 -8.55 -15.98 17.20
C ARG B 149 -7.67 -15.59 16.01
N GLY B 150 -7.85 -14.36 15.53
CA GLY B 150 -7.09 -13.83 14.41
C GLY B 150 -7.89 -13.74 13.13
N ILE B 151 -8.92 -14.58 12.96
CA ILE B 151 -9.70 -14.59 11.73
C ILE B 151 -10.36 -13.24 11.48
N GLU B 152 -10.77 -12.54 12.54
CA GLU B 152 -11.45 -11.26 12.35
C GLU B 152 -10.56 -10.21 11.71
N ARG B 153 -9.25 -10.42 11.63
CA ARG B 153 -8.38 -9.43 11.00
C ARG B 153 -7.94 -9.83 9.61
N LEU B 154 -8.45 -10.95 9.08
CA LEU B 154 -8.10 -11.40 7.73
C LEU B 154 -9.04 -10.74 6.72
N THR B 155 -8.81 -9.43 6.54
CA THR B 155 -9.76 -8.59 5.82
C THR B 155 -9.84 -8.92 4.34
N HIS B 156 -8.87 -9.64 3.79
CA HIS B 156 -8.88 -9.95 2.37
C HIS B 156 -9.53 -11.29 2.06
N LEU B 157 -10.07 -11.98 3.07
CA LEU B 157 -10.72 -13.27 2.84
C LEU B 157 -11.88 -13.13 1.86
N THR B 158 -11.90 -14.01 0.86
CA THR B 158 -13.06 -14.22 0.01
C THR B 158 -13.80 -15.52 0.34
N HIS B 159 -13.09 -16.53 0.83
CA HIS B 159 -13.65 -17.83 1.18
C HIS B 159 -13.28 -18.16 2.63
N LEU B 160 -14.28 -18.48 3.44
CA LEU B 160 -14.07 -18.91 4.82
C LEU B 160 -14.97 -20.12 5.09
N ALA B 161 -14.36 -21.28 5.28
CA ALA B 161 -15.10 -22.52 5.49
C ALA B 161 -14.95 -22.95 6.94
N LEU B 162 -16.06 -22.95 7.67
CA LEU B 162 -16.10 -23.38 9.07
C LEU B 162 -17.11 -24.51 9.27
N ASP B 163 -17.64 -25.05 8.19
CA ASP B 163 -18.71 -26.03 8.28
C ASP B 163 -18.23 -27.33 8.93
N GLN B 164 -19.18 -28.03 9.55
CA GLN B 164 -18.95 -29.35 10.13
C GLN B 164 -17.88 -29.33 11.22
N ASN B 165 -17.92 -28.30 12.06
CA ASN B 165 -17.13 -28.23 13.28
C ASN B 165 -18.07 -28.40 14.48
N GLN B 166 -17.70 -27.83 15.62
CA GLN B 166 -18.50 -27.92 16.82
C GLN B 166 -18.79 -26.53 17.39
N LEU B 167 -18.90 -25.56 16.49
CA LEU B 167 -19.13 -24.18 16.90
C LEU B 167 -20.55 -23.97 17.41
N LYS B 168 -20.67 -23.21 18.49
CA LYS B 168 -21.96 -22.87 19.07
C LYS B 168 -22.39 -21.43 18.80
N SER B 169 -21.44 -20.52 18.60
CA SER B 169 -21.74 -19.14 18.26
C SER B 169 -20.49 -18.52 17.64
N ILE B 170 -20.65 -17.30 17.15
CA ILE B 170 -19.57 -16.50 16.59
C ILE B 170 -19.42 -15.25 17.44
N PRO B 171 -18.21 -14.91 17.89
CA PRO B 171 -18.05 -13.73 18.76
C PRO B 171 -18.51 -12.47 18.04
N HIS B 172 -19.09 -11.55 18.83
CA HIS B 172 -19.65 -10.32 18.29
C HIS B 172 -18.65 -9.56 17.42
N GLY B 173 -19.09 -9.20 16.22
CA GLY B 173 -18.29 -8.42 15.30
C GLY B 173 -17.23 -9.17 14.54
N ALA B 174 -17.10 -10.49 14.77
CA ALA B 174 -15.97 -11.22 14.22
C ALA B 174 -15.90 -11.16 12.70
N PHE B 175 -17.04 -11.06 12.02
CA PHE B 175 -17.05 -11.06 10.57
C PHE B 175 -17.17 -9.66 9.97
N ASP B 176 -17.24 -8.62 10.80
CA ASP B 176 -17.63 -7.30 10.31
C ASP B 176 -16.56 -6.65 9.42
N ARG B 177 -15.29 -7.00 9.61
CA ARG B 177 -14.23 -6.45 8.77
C ARG B 177 -13.92 -7.34 7.57
N LEU B 178 -14.62 -8.45 7.40
CA LEU B 178 -14.39 -9.35 6.28
C LEU B 178 -15.25 -8.94 5.10
N SER B 179 -15.02 -7.71 4.64
CA SER B 179 -15.89 -7.09 3.65
C SER B 179 -15.70 -7.62 2.25
N SER B 180 -14.72 -8.49 2.02
CA SER B 180 -14.50 -9.11 0.72
C SER B 180 -15.00 -10.54 0.64
N LEU B 181 -15.68 -11.02 1.68
CA LEU B 181 -16.20 -12.39 1.68
C LEU B 181 -17.19 -12.59 0.55
N THR B 182 -17.01 -13.68 -0.20
CA THR B 182 -18.00 -14.11 -1.18
C THR B 182 -18.56 -15.50 -0.91
N HIS B 183 -17.85 -16.33 -0.13
CA HIS B 183 -18.28 -17.69 0.19
C HIS B 183 -18.02 -17.90 1.68
N ALA B 184 -19.08 -18.09 2.46
CA ALA B 184 -18.97 -18.42 3.87
C ALA B 184 -19.76 -19.68 4.14
N TYR B 185 -19.09 -20.70 4.67
CA TYR B 185 -19.70 -22.00 4.93
C TYR B 185 -19.86 -22.17 6.44
N LEU B 186 -21.11 -22.34 6.87
CA LEU B 186 -21.43 -22.39 8.30
C LEU B 186 -22.25 -23.61 8.71
N PHE B 187 -22.72 -24.42 7.76
CA PHE B 187 -23.60 -25.54 8.08
C PHE B 187 -22.86 -26.60 8.89
N GLY B 188 -23.61 -27.57 9.39
CA GLY B 188 -23.02 -28.69 10.11
C GLY B 188 -22.40 -28.33 11.45
N ASN B 189 -22.74 -27.18 12.01
CA ASN B 189 -22.33 -26.79 13.35
C ASN B 189 -23.53 -26.78 14.27
N PRO B 190 -23.35 -27.16 15.57
CA PRO B 190 -24.49 -27.17 16.52
C PRO B 190 -24.76 -25.79 17.12
N TRP B 191 -25.19 -24.86 16.26
CA TRP B 191 -25.41 -23.49 16.68
C TRP B 191 -26.42 -23.43 17.83
N ASP B 192 -26.03 -22.78 18.92
CA ASP B 192 -26.80 -22.79 20.16
C ASP B 192 -27.72 -21.57 20.13
N CYS B 193 -28.93 -21.77 19.63
CA CYS B 193 -29.82 -20.65 19.36
C CYS B 193 -30.61 -20.21 20.58
N GLU B 194 -30.56 -20.96 21.68
CA GLU B 194 -31.13 -20.48 22.93
C GLU B 194 -30.23 -19.50 23.66
N CYS B 195 -28.93 -19.54 23.36
CA CYS B 195 -27.97 -18.65 24.00
C CYS B 195 -28.01 -17.26 23.36
N ARG B 196 -27.98 -16.23 24.21
CA ARG B 196 -28.04 -14.85 23.74
C ARG B 196 -26.91 -14.51 22.78
N ASP B 197 -25.75 -15.17 22.91
CA ASP B 197 -24.61 -14.88 22.06
C ASP B 197 -24.87 -15.19 20.58
N ILE B 198 -25.90 -15.99 20.27
CA ILE B 198 -26.18 -16.33 18.88
C ILE B 198 -26.64 -15.14 18.06
N MET B 199 -27.06 -14.04 18.69
CA MET B 199 -27.70 -12.96 17.96
C MET B 199 -26.79 -12.35 16.90
N TYR B 200 -25.48 -12.26 17.16
CA TYR B 200 -24.59 -11.67 16.17
C TYR B 200 -24.60 -12.47 14.88
N LEU B 201 -24.42 -13.80 14.97
CA LEU B 201 -24.46 -14.63 13.78
C LEU B 201 -25.80 -14.51 13.07
N ARG B 202 -26.89 -14.51 13.84
CA ARG B 202 -28.22 -14.32 13.25
C ARG B 202 -28.27 -13.02 12.45
N ASN B 203 -27.87 -11.92 13.08
CA ASN B 203 -27.92 -10.62 12.41
C ASN B 203 -26.97 -10.56 11.22
N TRP B 204 -25.80 -11.17 11.33
CA TRP B 204 -24.84 -11.13 10.24
C TRP B 204 -25.33 -11.93 9.04
N VAL B 205 -25.85 -13.14 9.28
CA VAL B 205 -26.37 -13.95 8.17
C VAL B 205 -27.50 -13.22 7.46
N ALA B 206 -28.41 -12.63 8.23
CA ALA B 206 -29.55 -11.92 7.64
C ALA B 206 -29.07 -10.76 6.76
N ASP B 207 -27.90 -10.19 7.05
CA ASP B 207 -27.35 -9.10 6.26
C ASP B 207 -26.44 -9.57 5.14
N HIS B 208 -26.13 -10.87 5.06
CA HIS B 208 -25.20 -11.39 4.06
C HIS B 208 -25.75 -12.68 3.45
N THR B 209 -27.03 -12.68 3.09
CA THR B 209 -27.65 -13.92 2.63
C THR B 209 -27.03 -14.46 1.35
N SER B 210 -26.46 -13.57 0.52
CA SER B 210 -25.98 -14.01 -0.79
C SER B 210 -24.64 -14.72 -0.73
N ILE B 211 -23.93 -14.67 0.40
CA ILE B 211 -22.61 -15.29 0.50
C ILE B 211 -22.60 -16.52 1.39
N VAL B 212 -23.69 -16.84 2.08
CA VAL B 212 -23.75 -18.02 2.93
C VAL B 212 -24.06 -19.23 2.06
N MET B 213 -23.13 -20.20 2.05
CA MET B 213 -23.13 -21.31 1.11
C MET B 213 -23.25 -22.64 1.82
N ARG B 214 -23.99 -23.58 1.22
CA ARG B 214 -23.85 -24.99 1.55
C ARG B 214 -23.05 -25.68 0.45
N TRP B 215 -22.83 -26.98 0.61
CA TRP B 215 -21.96 -27.74 -0.29
C TRP B 215 -22.60 -29.09 -0.61
N ASP B 216 -23.10 -29.24 -1.83
CA ASP B 216 -23.43 -30.55 -2.38
C ASP B 216 -22.54 -30.75 -3.61
N GLY B 217 -21.30 -31.18 -3.38
CA GLY B 217 -20.31 -31.28 -4.42
C GLY B 217 -19.80 -29.95 -4.94
N LYS B 218 -20.39 -28.85 -4.52
CA LYS B 218 -20.07 -27.51 -5.02
C LYS B 218 -20.79 -26.52 -4.13
N ALA B 219 -20.37 -25.26 -4.23
CA ALA B 219 -21.00 -24.19 -3.47
C ALA B 219 -22.41 -23.94 -3.99
N VAL B 220 -23.38 -23.94 -3.08
CA VAL B 220 -24.76 -23.59 -3.37
C VAL B 220 -25.22 -22.55 -2.35
N ASN B 221 -25.71 -21.41 -2.83
CA ASN B 221 -26.17 -20.36 -1.93
C ASN B 221 -27.36 -20.84 -1.13
N ASP B 222 -27.24 -20.77 0.20
CA ASP B 222 -28.30 -21.21 1.10
C ASP B 222 -28.12 -20.56 2.46
N PRO B 223 -28.70 -19.38 2.68
CA PRO B 223 -28.56 -18.73 4.00
C PRO B 223 -29.27 -19.45 5.13
N ASP B 224 -30.14 -20.40 4.83
CA ASP B 224 -30.82 -21.20 5.84
C ASP B 224 -30.00 -22.42 6.25
N SER B 225 -28.82 -22.63 5.67
CA SER B 225 -28.05 -23.83 5.95
C SER B 225 -27.34 -23.79 7.29
N ALA B 226 -27.18 -22.62 7.89
CA ALA B 226 -26.75 -22.52 9.29
C ALA B 226 -27.97 -22.77 10.18
N LYS B 227 -27.98 -23.92 10.85
CA LYS B 227 -29.19 -24.40 11.51
C LYS B 227 -28.97 -24.54 13.01
N CYS B 228 -30.04 -24.27 13.75
CA CYS B 228 -30.00 -24.38 15.20
C CYS B 228 -29.93 -25.84 15.61
N ALA B 229 -29.13 -26.12 16.64
CA ALA B 229 -29.07 -27.45 17.20
C ALA B 229 -30.40 -27.80 17.85
N GLY B 230 -30.82 -29.05 17.72
CA GLY B 230 -32.07 -29.46 18.32
C GLY B 230 -33.29 -29.24 17.44
N THR B 231 -33.68 -27.98 17.24
CA THR B 231 -34.84 -27.65 16.43
C THR B 231 -34.60 -27.71 14.93
N ASN B 232 -33.35 -27.60 14.50
CA ASN B 232 -33.00 -27.53 13.08
C ASN B 232 -33.74 -26.39 12.39
N THR B 233 -33.84 -25.30 13.05
CA THR B 233 -34.40 -24.02 12.63
C THR B 233 -33.28 -23.13 12.15
N PRO B 234 -33.48 -22.33 11.10
CA PRO B 234 -32.37 -21.51 10.59
C PRO B 234 -31.93 -20.47 11.62
N VAL B 235 -30.62 -20.31 11.75
CA VAL B 235 -30.07 -19.36 12.69
C VAL B 235 -30.56 -17.94 12.36
N ARG B 236 -30.66 -17.62 11.07
CA ARG B 236 -31.05 -16.28 10.69
C ARG B 236 -32.49 -15.94 11.07
N ALA B 237 -33.30 -16.93 11.45
CA ALA B 237 -34.69 -16.71 11.86
C ALA B 237 -34.86 -16.50 13.35
N VAL B 238 -33.82 -16.72 14.15
CA VAL B 238 -33.92 -16.61 15.61
C VAL B 238 -34.36 -15.20 15.99
N THR B 239 -35.32 -15.12 16.92
CA THR B 239 -35.68 -13.85 17.52
C THR B 239 -34.92 -13.66 18.83
N GLU B 240 -34.52 -12.42 19.10
CA GLU B 240 -33.74 -12.13 20.30
C GLU B 240 -34.54 -12.43 21.57
N ALA B 241 -35.84 -12.11 21.57
CA ALA B 241 -36.64 -12.30 22.78
C ALA B 241 -36.65 -13.75 23.24
N SER B 242 -36.46 -14.70 22.33
CA SER B 242 -36.45 -16.12 22.70
C SER B 242 -35.12 -16.58 23.28
N THR B 243 -34.09 -15.73 23.30
CA THR B 243 -32.79 -16.10 23.82
C THR B 243 -32.56 -15.49 25.20
N SER B 244 -31.54 -16.00 25.89
CA SER B 244 -31.24 -15.56 27.25
C SER B 244 -29.77 -15.79 27.54
N PRO B 245 -29.10 -14.86 28.23
CA PRO B 245 -27.70 -15.10 28.61
C PRO B 245 -27.52 -16.31 29.51
N SER B 246 -28.55 -16.71 30.27
CA SER B 246 -28.44 -17.85 31.16
C SER B 246 -28.42 -19.18 30.42
N LYS B 247 -28.63 -19.18 29.11
CA LYS B 247 -28.60 -20.40 28.32
C LYS B 247 -27.31 -20.54 27.53
N CYS B 248 -26.25 -19.92 27.99
CA CYS B 248 -24.99 -20.02 27.30
C CYS B 248 -24.06 -20.94 28.07
N PRO B 249 -23.24 -21.74 27.37
CA PRO B 249 -22.36 -22.74 27.99
C PRO B 249 -21.47 -22.16 29.09
N CYS C 9 30.28 -8.53 -9.70
CA CYS C 9 29.48 -8.43 -10.91
C CYS C 9 28.52 -9.60 -11.05
N PRO C 10 27.26 -9.29 -11.37
CA PRO C 10 26.30 -10.36 -11.67
C PRO C 10 26.74 -11.16 -12.89
N SER C 11 26.76 -12.48 -12.75
CA SER C 11 26.95 -13.32 -13.92
CA SER C 11 26.95 -13.32 -13.92
C SER C 11 25.89 -12.99 -14.97
N GLN C 12 26.29 -13.15 -16.23
CA GLN C 12 25.54 -12.78 -17.44
C GLN C 12 25.80 -11.33 -17.82
N CYS C 13 26.31 -10.51 -16.89
CA CYS C 13 26.58 -9.11 -17.17
C CYS C 13 28.07 -8.84 -17.15
N SER C 14 28.45 -7.66 -17.63
CA SER C 14 29.81 -7.17 -17.57
C SER C 14 29.85 -5.88 -16.79
N CYS C 15 30.89 -5.71 -15.98
CA CYS C 15 31.01 -4.58 -15.08
C CYS C 15 32.37 -3.92 -15.24
N SER C 16 32.40 -2.60 -15.15
CA SER C 16 33.64 -1.85 -15.11
C SER C 16 33.40 -0.57 -14.31
N GLY C 17 34.29 -0.30 -13.35
CA GLY C 17 34.08 0.88 -12.52
C GLY C 17 32.78 0.76 -11.74
N THR C 18 31.93 1.79 -11.87
CA THR C 18 30.62 1.78 -11.25
C THR C 18 29.50 1.63 -12.28
N THR C 19 29.82 1.11 -13.46
CA THR C 19 28.85 0.88 -14.53
C THR C 19 28.60 -0.62 -14.65
N VAL C 20 27.34 -1.01 -14.63
CA VAL C 20 26.93 -2.41 -14.77
C VAL C 20 26.16 -2.57 -16.06
N ASN C 21 26.64 -3.43 -16.96
CA ASN C 21 26.07 -3.63 -18.29
C ASN C 21 25.36 -4.98 -18.32
N CYS C 22 24.04 -4.96 -18.14
CA CYS C 22 23.21 -6.14 -18.30
C CYS C 22 22.32 -6.05 -19.54
N LYS C 23 22.72 -5.25 -20.53
CA LYS C 23 21.91 -5.05 -21.72
C LYS C 23 21.96 -6.25 -22.65
N SER C 24 20.81 -6.58 -23.25
CA SER C 24 20.71 -7.62 -24.28
C SER C 24 21.31 -8.94 -23.80
N LYS C 25 20.84 -9.41 -22.64
CA LYS C 25 21.35 -10.63 -22.02
C LYS C 25 20.25 -11.67 -21.82
N SER C 26 19.12 -11.52 -22.51
CA SER C 26 18.00 -12.47 -22.43
C SER C 26 17.48 -12.61 -21.00
N LEU C 27 17.54 -11.53 -20.22
CA LEU C 27 17.10 -11.58 -18.83
C LEU C 27 15.58 -11.54 -18.76
N ALA C 28 15.01 -12.42 -17.94
CA ALA C 28 13.59 -12.41 -17.65
C ALA C 28 13.25 -11.68 -16.35
N SER C 29 14.27 -11.35 -15.56
CA SER C 29 14.08 -10.62 -14.30
C SER C 29 15.39 -9.92 -13.97
N VAL C 30 15.31 -8.97 -13.04
CA VAL C 30 16.49 -8.23 -12.60
C VAL C 30 17.41 -9.19 -11.85
N PRO C 31 18.65 -9.37 -12.27
CA PRO C 31 19.51 -10.34 -11.61
C PRO C 31 20.01 -9.84 -10.26
N ALA C 32 20.26 -10.79 -9.36
CA ALA C 32 20.81 -10.45 -8.07
C ALA C 32 22.30 -10.14 -8.19
N GLY C 33 22.81 -9.42 -7.20
CA GLY C 33 24.23 -9.16 -7.13
C GLY C 33 24.69 -7.87 -7.77
N ILE C 34 23.78 -6.94 -8.06
CA ILE C 34 24.18 -5.63 -8.55
C ILE C 34 24.76 -4.88 -7.36
N PRO C 35 26.02 -4.46 -7.41
CA PRO C 35 26.63 -3.82 -6.24
C PRO C 35 25.92 -2.51 -5.89
N THR C 36 25.77 -2.26 -4.58
CA THR C 36 25.19 -1.01 -4.13
C THR C 36 26.01 0.19 -4.56
N THR C 37 27.24 -0.02 -5.01
CA THR C 37 28.08 1.04 -5.51
C THR C 37 27.73 1.42 -6.94
N THR C 38 26.88 0.65 -7.61
CA THR C 38 26.56 0.89 -9.01
C THR C 38 25.93 2.26 -9.21
N ARG C 39 26.41 2.99 -10.21
CA ARG C 39 25.78 4.24 -10.60
C ARG C 39 25.20 4.25 -12.00
N VAL C 40 25.65 3.37 -12.89
CA VAL C 40 25.06 3.27 -14.23
C VAL C 40 24.64 1.81 -14.40
N LEU C 41 23.36 1.59 -14.66
CA LEU C 41 22.79 0.25 -14.75
C LEU C 41 22.05 0.09 -16.07
N TYR C 42 22.60 -0.74 -16.97
CA TYR C 42 21.95 -1.08 -18.23
C TYR C 42 21.12 -2.35 -18.03
N LEU C 43 19.80 -2.22 -18.12
CA LEU C 43 18.91 -3.37 -18.15
C LEU C 43 18.06 -3.41 -19.41
N ASN C 44 18.45 -2.66 -20.44
CA ASN C 44 17.63 -2.51 -21.64
C ASN C 44 17.77 -3.72 -22.57
N ASP C 45 16.76 -3.87 -23.44
CA ASP C 45 16.70 -4.93 -24.45
C ASP C 45 16.75 -6.33 -23.81
N ASN C 46 15.80 -6.58 -22.93
CA ASN C 46 15.67 -7.89 -22.31
C ASN C 46 14.19 -8.27 -22.37
N GLN C 47 13.78 -9.26 -21.58
CA GLN C 47 12.40 -9.70 -21.55
C GLN C 47 11.86 -9.67 -20.13
N ILE C 48 12.18 -8.60 -19.39
CA ILE C 48 11.69 -8.45 -18.03
C ILE C 48 10.21 -8.07 -18.08
N THR C 49 9.36 -8.92 -17.52
CA THR C 49 7.92 -8.71 -17.55
C THR C 49 7.39 -7.97 -16.33
N LYS C 50 8.15 -7.95 -15.23
CA LYS C 50 7.70 -7.25 -14.04
C LYS C 50 8.91 -6.94 -13.17
N LEU C 51 8.74 -5.90 -12.34
CA LEU C 51 9.74 -5.48 -11.38
C LEU C 51 9.16 -5.65 -9.99
N GLU C 52 9.90 -6.33 -9.13
CA GLU C 52 9.37 -6.57 -7.78
C GLU C 52 9.47 -5.31 -6.94
N PRO C 53 8.52 -5.08 -6.04
CA PRO C 53 8.61 -3.92 -5.15
C PRO C 53 9.86 -4.00 -4.29
N GLY C 54 10.61 -2.90 -4.25
CA GLY C 54 11.82 -2.86 -3.47
C GLY C 54 13.07 -3.32 -4.18
N VAL C 55 12.96 -3.76 -5.44
CA VAL C 55 14.11 -4.32 -6.15
C VAL C 55 15.26 -3.32 -6.28
N PHE C 56 14.95 -2.03 -6.32
CA PHE C 56 15.98 -1.00 -6.48
C PHE C 56 16.32 -0.28 -5.17
N ASP C 57 15.70 -0.66 -4.05
CA ASP C 57 15.89 0.09 -2.80
C ASP C 57 17.34 0.15 -2.37
N ARG C 58 18.12 -0.90 -2.66
CA ARG C 58 19.50 -0.95 -2.20
C ARG C 58 20.45 -0.12 -3.05
N LEU C 59 20.05 0.26 -4.26
CA LEU C 59 20.94 0.93 -5.21
C LEU C 59 20.79 2.45 -5.13
N VAL C 60 21.05 2.99 -3.94
CA VAL C 60 20.79 4.40 -3.68
C VAL C 60 21.73 5.33 -4.45
N ASN C 61 22.77 4.80 -5.07
CA ASN C 61 23.76 5.63 -5.77
C ASN C 61 23.49 5.72 -7.27
N LEU C 62 22.43 5.11 -7.79
CA LEU C 62 22.16 5.13 -9.22
C LEU C 62 21.98 6.56 -9.72
N GLN C 63 22.67 6.88 -10.82
CA GLN C 63 22.45 8.10 -11.58
C GLN C 63 21.80 7.85 -12.93
N THR C 64 21.91 6.63 -13.45
CA THR C 64 21.39 6.31 -14.77
C THR C 64 20.80 4.91 -14.75
N LEU C 65 19.53 4.78 -15.14
CA LEU C 65 18.82 3.51 -15.11
C LEU C 65 18.10 3.32 -16.43
N TRP C 66 18.50 2.30 -17.19
CA TRP C 66 17.92 2.01 -18.50
C TRP C 66 17.06 0.76 -18.39
N LEU C 67 15.74 0.94 -18.37
CA LEU C 67 14.79 -0.16 -18.40
C LEU C 67 14.04 -0.23 -19.73
N ASN C 68 14.50 0.51 -20.74
CA ASN C 68 13.84 0.56 -22.02
C ASN C 68 13.93 -0.79 -22.75
N ASN C 69 12.99 -0.99 -23.68
CA ASN C 69 12.93 -2.20 -24.50
C ASN C 69 12.85 -3.46 -23.63
N ASN C 70 11.83 -3.50 -22.79
CA ASN C 70 11.50 -4.71 -22.03
C ASN C 70 10.02 -4.98 -22.25
N GLN C 71 9.42 -5.71 -21.33
CA GLN C 71 8.01 -6.08 -21.47
C GLN C 71 7.23 -5.70 -20.21
N LEU C 72 7.55 -4.54 -19.65
CA LEU C 72 6.86 -4.07 -18.45
C LEU C 72 5.47 -3.56 -18.82
N THR C 73 4.46 -3.97 -18.06
CA THR C 73 3.10 -3.49 -18.28
C THR C 73 2.62 -2.56 -17.18
N SER C 74 3.20 -2.64 -15.99
CA SER C 74 2.90 -1.70 -14.91
C SER C 74 4.12 -1.61 -14.01
N LEU C 75 4.13 -0.59 -13.16
CA LEU C 75 5.20 -0.39 -12.19
C LEU C 75 4.64 -0.39 -10.78
N PRO C 76 5.27 -1.09 -9.85
CA PRO C 76 4.79 -1.10 -8.47
C PRO C 76 5.03 0.25 -7.80
N ALA C 77 4.15 0.58 -6.86
CA ALA C 77 4.26 1.83 -6.13
C ALA C 77 5.57 1.92 -5.36
N GLY C 78 6.20 3.09 -5.39
CA GLY C 78 7.42 3.30 -4.65
C GLY C 78 8.66 2.72 -5.29
N LEU C 79 8.56 2.19 -6.51
CA LEU C 79 9.67 1.51 -7.16
C LEU C 79 10.97 2.32 -7.16
N PHE C 80 10.88 3.62 -7.45
CA PHE C 80 12.07 4.46 -7.64
C PHE C 80 12.38 5.36 -6.44
N ASP C 81 11.70 5.19 -5.31
CA ASP C 81 11.75 6.18 -4.25
C ASP C 81 13.13 6.33 -3.61
N SER C 82 13.99 5.31 -3.67
CA SER C 82 15.31 5.39 -3.09
C SER C 82 16.35 6.01 -4.01
N LEU C 83 16.04 6.22 -5.28
CA LEU C 83 17.03 6.60 -6.28
C LEU C 83 17.13 8.12 -6.40
N THR C 84 17.47 8.76 -5.27
CA THR C 84 17.46 10.22 -5.23
C THR C 84 18.53 10.85 -6.11
N GLN C 85 19.53 10.08 -6.56
CA GLN C 85 20.59 10.61 -7.39
C GLN C 85 20.34 10.41 -8.87
N LEU C 86 19.18 9.85 -9.25
CA LEU C 86 18.89 9.53 -10.64
C LEU C 86 18.81 10.79 -11.49
N THR C 87 19.49 10.79 -12.62
CA THR C 87 19.39 11.87 -13.59
C THR C 87 18.84 11.42 -14.94
N ILE C 88 18.95 10.14 -15.28
CA ILE C 88 18.37 9.59 -16.50
C ILE C 88 17.56 8.36 -16.14
N LEU C 89 16.30 8.33 -16.56
CA LEU C 89 15.42 7.18 -16.38
C LEU C 89 14.79 6.85 -17.73
N ALA C 90 15.08 5.68 -18.25
CA ALA C 90 14.56 5.25 -19.55
C ALA C 90 13.54 4.14 -19.35
N LEU C 91 12.31 4.38 -19.79
CA LEU C 91 11.26 3.39 -19.73
C LEU C 91 10.58 3.20 -21.09
N ASP C 92 11.19 3.71 -22.16
CA ASP C 92 10.55 3.65 -23.47
C ASP C 92 10.56 2.22 -24.01
N SER C 93 9.70 2.00 -25.00
CA SER C 93 9.52 0.68 -25.63
C SER C 93 9.24 -0.40 -24.59
N ASN C 94 8.23 -0.14 -23.76
CA ASN C 94 7.64 -1.19 -22.95
C ASN C 94 6.17 -1.27 -23.33
N GLN C 95 5.34 -1.85 -22.47
CA GLN C 95 3.90 -1.87 -22.70
C GLN C 95 3.17 -1.35 -21.48
N LEU C 96 3.74 -0.33 -20.84
CA LEU C 96 3.15 0.26 -19.65
C LEU C 96 1.75 0.80 -19.95
N GLN C 97 0.77 0.35 -19.17
CA GLN C 97 -0.61 0.78 -19.35
C GLN C 97 -0.94 2.04 -18.55
N ALA C 98 -0.20 2.28 -17.47
CA ALA C 98 -0.42 3.47 -16.66
C ALA C 98 0.80 3.68 -15.78
N LEU C 99 0.90 4.87 -15.22
CA LEU C 99 1.92 5.10 -14.23
C LEU C 99 1.27 5.31 -12.87
N PRO C 100 1.88 4.85 -11.78
CA PRO C 100 1.29 5.07 -10.47
C PRO C 100 1.49 6.50 -9.99
N VAL C 101 0.66 6.89 -9.02
CA VAL C 101 0.75 8.22 -8.44
C VAL C 101 2.09 8.40 -7.75
N GLY C 102 2.76 9.50 -8.03
CA GLY C 102 3.99 9.81 -7.33
C GLY C 102 5.18 8.97 -7.74
N VAL C 103 5.11 8.30 -8.89
CA VAL C 103 6.15 7.34 -9.27
C VAL C 103 7.51 8.03 -9.39
N PHE C 104 7.54 9.30 -9.78
CA PHE C 104 8.78 10.05 -9.89
C PHE C 104 8.96 11.07 -8.78
N GLY C 105 8.18 10.97 -7.71
CA GLY C 105 8.14 12.04 -6.72
C GLY C 105 9.46 12.28 -6.01
N ARG C 106 10.28 11.24 -5.87
CA ARG C 106 11.55 11.36 -5.16
C ARG C 106 12.73 11.62 -6.09
N LEU C 107 12.50 11.67 -7.40
CA LEU C 107 13.58 11.84 -8.37
C LEU C 107 13.81 13.32 -8.69
N VAL C 108 14.12 14.10 -7.65
CA VAL C 108 14.19 15.54 -7.79
C VAL C 108 15.35 15.98 -8.68
N ASP C 109 16.36 15.14 -8.88
CA ASP C 109 17.51 15.50 -9.71
C ASP C 109 17.39 15.00 -11.14
N LEU C 110 16.25 14.43 -11.51
CA LEU C 110 16.10 13.83 -12.83
C LEU C 110 16.23 14.87 -13.93
N GLN C 111 17.02 14.54 -14.96
CA GLN C 111 17.22 15.39 -16.12
C GLN C 111 16.60 14.84 -17.40
N GLN C 112 16.54 13.52 -17.57
CA GLN C 112 15.97 12.93 -18.78
C GLN C 112 14.98 11.85 -18.38
N LEU C 113 13.80 11.88 -19.01
CA LEU C 113 12.74 10.91 -18.74
C LEU C 113 12.22 10.39 -20.08
N TYR C 114 12.37 9.09 -20.31
CA TYR C 114 11.93 8.44 -21.54
C TYR C 114 10.69 7.61 -21.24
N LEU C 115 9.59 7.95 -21.90
CA LEU C 115 8.33 7.23 -21.74
C LEU C 115 7.70 6.88 -23.08
N GLY C 116 8.39 7.11 -24.19
CA GLY C 116 7.82 6.86 -25.49
C GLY C 116 7.57 5.39 -25.75
N SER C 117 6.69 5.13 -26.72
CA SER C 117 6.40 3.78 -27.21
C SER C 117 5.94 2.87 -26.07
N ASN C 118 4.96 3.36 -25.30
CA ASN C 118 4.28 2.53 -24.32
C ASN C 118 2.80 2.47 -24.68
N GLN C 119 1.94 2.24 -23.70
CA GLN C 119 0.49 2.20 -23.91
C GLN C 119 -0.21 3.21 -22.99
N LEU C 120 0.42 4.36 -22.79
CA LEU C 120 -0.13 5.37 -21.91
C LEU C 120 -1.19 6.20 -22.63
N SER C 121 -2.37 6.29 -22.02
CA SER C 121 -3.43 7.14 -22.52
C SER C 121 -3.69 8.36 -21.64
N ALA C 122 -3.07 8.41 -20.47
CA ALA C 122 -3.14 9.55 -19.57
C ALA C 122 -2.05 9.39 -18.52
N LEU C 123 -1.79 10.47 -17.79
CA LEU C 123 -0.83 10.50 -16.71
C LEU C 123 -1.49 11.08 -15.46
N PRO C 124 -1.04 10.67 -14.27
CA PRO C 124 -1.48 11.36 -13.05
C PRO C 124 -1.18 12.85 -13.13
N SER C 125 -2.04 13.64 -12.50
CA SER C 125 -1.99 15.09 -12.72
C SER C 125 -0.72 15.72 -12.18
N ALA C 126 -0.16 15.18 -11.10
CA ALA C 126 1.04 15.74 -10.48
C ALA C 126 2.29 14.93 -10.76
N VAL C 127 2.30 14.13 -11.83
CA VAL C 127 3.35 13.15 -12.04
C VAL C 127 4.71 13.82 -12.23
N PHE C 128 4.75 15.03 -12.81
CA PHE C 128 6.01 15.71 -13.07
C PHE C 128 6.30 16.84 -12.09
N ASP C 129 5.48 17.03 -11.06
CA ASP C 129 5.53 18.26 -10.28
C ASP C 129 6.85 18.44 -9.54
N ARG C 130 7.48 17.35 -9.11
CA ARG C 130 8.73 17.44 -8.36
C ARG C 130 9.97 17.36 -9.24
N LEU C 131 9.81 17.30 -10.56
CA LEU C 131 10.93 17.18 -11.48
C LEU C 131 11.37 18.58 -11.94
N VAL C 132 11.89 19.34 -10.97
CA VAL C 132 12.17 20.76 -11.18
C VAL C 132 13.41 20.98 -12.06
N HIS C 133 14.26 19.97 -12.22
CA HIS C 133 15.48 20.11 -13.02
C HIS C 133 15.39 19.40 -14.37
N LEU C 134 14.21 18.89 -14.72
CA LEU C 134 14.05 18.09 -15.94
C LEU C 134 14.42 18.89 -17.18
N LYS C 135 15.22 18.27 -18.05
CA LYS C 135 15.65 18.86 -19.30
C LYS C 135 15.07 18.19 -20.54
N GLU C 136 14.79 16.88 -20.48
CA GLU C 136 14.28 16.14 -21.63
C GLU C 136 13.10 15.28 -21.18
N LEU C 137 11.95 15.49 -21.82
CA LEU C 137 10.75 14.68 -21.61
C LEU C 137 10.34 14.13 -22.98
N LEU C 138 10.57 12.83 -23.18
CA LEU C 138 10.36 12.19 -24.47
C LEU C 138 9.24 11.17 -24.32
N MET C 139 8.07 11.49 -24.88
CA MET C 139 6.87 10.69 -24.70
C MET C 139 6.19 10.43 -26.03
N CYS C 140 6.94 10.10 -27.08
CA CYS C 140 6.29 9.83 -28.35
C CYS C 140 5.46 8.55 -28.26
N CYS C 141 4.64 8.35 -29.29
CA CYS C 141 4.18 7.01 -29.64
C CYS C 141 3.39 6.35 -28.50
N ASN C 142 2.56 7.12 -27.81
CA ASN C 142 1.61 6.63 -26.84
C ASN C 142 0.19 6.90 -27.36
N LYS C 143 -0.77 7.03 -26.46
CA LYS C 143 -2.16 7.26 -26.84
C LYS C 143 -2.73 8.48 -26.13
N LEU C 144 -1.87 9.46 -25.86
CA LEU C 144 -2.31 10.66 -25.15
C LEU C 144 -3.26 11.47 -26.00
N THR C 145 -4.35 11.93 -25.38
CA THR C 145 -5.34 12.77 -26.05
C THR C 145 -5.30 14.21 -25.58
N GLU C 146 -4.51 14.50 -24.55
CA GLU C 146 -4.37 15.82 -23.97
C GLU C 146 -2.92 16.04 -23.57
N LEU C 147 -2.49 17.29 -23.61
CA LEU C 147 -1.18 17.62 -23.09
C LEU C 147 -1.15 17.34 -21.59
N PRO C 148 -0.27 16.47 -21.10
CA PRO C 148 -0.24 16.17 -19.66
C PRO C 148 -0.04 17.43 -18.84
N ARG C 149 -0.82 17.53 -17.76
CA ARG C 149 -0.70 18.66 -16.85
C ARG C 149 0.63 18.62 -16.11
N GLY C 150 1.17 19.80 -15.84
CA GLY C 150 2.47 19.95 -15.21
C GLY C 150 3.57 20.30 -16.18
N ILE C 151 3.42 19.92 -17.45
CA ILE C 151 4.49 20.15 -18.43
C ILE C 151 4.78 21.64 -18.58
N GLU C 152 3.74 22.49 -18.49
CA GLU C 152 3.98 23.92 -18.67
C GLU C 152 4.88 24.53 -17.62
N ARG C 153 5.14 23.82 -16.53
CA ARG C 153 5.96 24.32 -15.44
C ARG C 153 7.38 23.76 -15.46
N LEU C 154 7.71 22.93 -16.44
CA LEU C 154 9.04 22.34 -16.57
C LEU C 154 9.93 23.28 -17.39
N THR C 155 10.34 24.37 -16.74
CA THR C 155 10.96 25.49 -17.45
C THR C 155 12.34 25.17 -18.02
N HIS C 156 12.98 24.11 -17.56
CA HIS C 156 14.33 23.80 -18.01
C HIS C 156 14.36 22.83 -19.19
N LEU C 157 13.21 22.44 -19.71
CA LEU C 157 13.18 21.50 -20.84
C LEU C 157 13.93 22.05 -22.05
N THR C 158 14.81 21.23 -22.60
CA THR C 158 15.37 21.47 -23.92
C THR C 158 14.74 20.59 -24.99
N HIS C 159 14.26 19.41 -24.60
CA HIS C 159 13.66 18.46 -25.53
C HIS C 159 12.29 18.07 -25.01
N LEU C 160 11.28 18.21 -25.87
CA LEU C 160 9.91 17.79 -25.57
C LEU C 160 9.38 17.05 -26.80
N ALA C 161 9.19 15.75 -26.66
CA ALA C 161 8.72 14.88 -27.74
C ALA C 161 7.30 14.44 -27.43
N LEU C 162 6.35 14.87 -28.27
CA LEU C 162 4.94 14.52 -28.15
C LEU C 162 4.42 13.87 -29.42
N ASP C 163 5.30 13.53 -30.35
CA ASP C 163 4.88 13.06 -31.67
C ASP C 163 4.19 11.71 -31.59
N GLN C 164 3.33 11.47 -32.58
CA GLN C 164 2.66 10.18 -32.76
C GLN C 164 1.79 9.82 -31.55
N ASN C 165 1.08 10.80 -31.01
CA ASN C 165 0.05 10.60 -30.01
C ASN C 165 -1.31 10.88 -30.66
N GLN C 166 -2.29 11.32 -29.87
CA GLN C 166 -3.62 11.62 -30.35
C GLN C 166 -4.05 13.02 -29.93
N LEU C 167 -3.10 13.94 -29.85
CA LEU C 167 -3.38 15.30 -29.39
C LEU C 167 -4.17 16.09 -30.44
N LYS C 168 -5.12 16.88 -29.98
CA LYS C 168 -5.92 17.74 -30.86
C LYS C 168 -5.51 19.21 -30.82
N SER C 169 -5.00 19.69 -29.68
CA SER C 169 -4.51 21.06 -29.57
C SER C 169 -3.64 21.15 -28.34
N ILE C 170 -3.05 22.32 -28.14
CA ILE C 170 -2.22 22.62 -26.96
C ILE C 170 -2.95 23.70 -26.17
N PRO C 171 -3.12 23.53 -24.85
CA PRO C 171 -3.83 24.56 -24.08
C PRO C 171 -3.12 25.90 -24.20
N HIS C 172 -3.91 26.97 -24.26
CA HIS C 172 -3.38 28.30 -24.51
C HIS C 172 -2.29 28.64 -23.51
N GLY C 173 -1.13 29.06 -24.02
CA GLY C 173 -0.01 29.45 -23.20
C GLY C 173 0.83 28.33 -22.62
N ALA C 174 0.52 27.07 -22.94
CA ALA C 174 1.17 25.95 -22.27
C ALA C 174 2.69 25.94 -22.48
N PHE C 175 3.17 26.45 -23.60
CA PHE C 175 4.61 26.41 -23.92
C PHE C 175 5.33 27.71 -23.59
N ASP C 176 4.64 28.71 -23.02
CA ASP C 176 5.22 30.04 -22.92
C ASP C 176 6.38 30.12 -21.94
N ARG C 177 6.40 29.26 -20.93
CA ARG C 177 7.49 29.25 -19.95
C ARG C 177 8.59 28.27 -20.31
N LEU C 178 8.47 27.55 -21.43
CA LEU C 178 9.51 26.61 -21.86
C LEU C 178 10.53 27.31 -22.77
N SER C 179 11.17 28.33 -22.22
CA SER C 179 12.02 29.22 -23.01
C SER C 179 13.37 28.61 -23.35
N SER C 180 13.69 27.41 -22.84
CA SER C 180 14.96 26.76 -23.14
C SER C 180 14.82 25.64 -24.18
N LEU C 181 13.64 25.47 -24.76
CA LEU C 181 13.42 24.42 -25.74
C LEU C 181 14.29 24.60 -26.97
N THR C 182 14.96 23.53 -27.38
CA THR C 182 15.65 23.48 -28.67
C THR C 182 15.11 22.40 -29.59
N HIS C 183 14.39 21.41 -29.06
CA HIS C 183 13.82 20.31 -29.84
C HIS C 183 12.39 20.10 -29.37
N ALA C 184 11.43 20.40 -30.24
CA ALA C 184 10.02 20.15 -29.96
C ALA C 184 9.46 19.29 -31.08
N TYR C 185 8.92 18.13 -30.73
CA TYR C 185 8.38 17.16 -31.69
C TYR C 185 6.86 17.14 -31.57
N LEU C 186 6.18 17.49 -32.67
CA LEU C 186 4.73 17.62 -32.67
C LEU C 186 4.06 16.83 -33.79
N PHE C 187 4.81 16.23 -34.70
CA PHE C 187 4.23 15.56 -35.86
C PHE C 187 3.44 14.32 -35.43
N GLY C 188 2.70 13.77 -36.38
CA GLY C 188 1.95 12.56 -36.13
C GLY C 188 0.79 12.69 -35.16
N ASN C 189 0.32 13.92 -34.91
CA ASN C 189 -0.86 14.15 -34.10
C ASN C 189 -2.02 14.67 -34.94
N PRO C 190 -3.27 14.27 -34.64
CA PRO C 190 -4.44 14.75 -35.41
C PRO C 190 -4.91 16.12 -34.93
N TRP C 191 -4.07 17.13 -35.16
CA TRP C 191 -4.37 18.49 -34.72
C TRP C 191 -5.67 19.00 -35.31
N ASP C 192 -6.54 19.53 -34.45
CA ASP C 192 -7.89 19.96 -34.83
C ASP C 192 -7.83 21.43 -35.21
N CYS C 193 -7.65 21.68 -36.50
CA CYS C 193 -7.44 23.03 -37.01
C CYS C 193 -8.74 23.79 -37.28
N GLU C 194 -9.90 23.13 -37.14
CA GLU C 194 -11.16 23.84 -37.26
C GLU C 194 -11.49 24.64 -36.01
N CYS C 195 -10.96 24.22 -34.87
CA CYS C 195 -11.24 24.88 -33.60
C CYS C 195 -10.36 26.11 -33.42
N ARG C 196 -10.97 27.19 -32.90
CA ARG C 196 -10.25 28.43 -32.66
C ARG C 196 -9.07 28.24 -31.72
N ASP C 197 -9.10 27.22 -30.85
CA ASP C 197 -8.01 27.00 -29.92
C ASP C 197 -6.69 26.67 -30.61
N ILE C 198 -6.73 26.26 -31.88
CA ILE C 198 -5.51 25.92 -32.59
C ILE C 198 -4.61 27.13 -32.81
N MET C 199 -5.15 28.34 -32.65
CA MET C 199 -4.39 29.55 -32.98
C MET C 199 -3.14 29.67 -32.10
N TYR C 200 -3.21 29.25 -30.84
CA TYR C 200 -2.04 29.33 -29.98
C TYR C 200 -0.90 28.48 -30.53
N LEU C 201 -1.18 27.20 -30.81
CA LEU C 201 -0.15 26.34 -31.39
C LEU C 201 0.32 26.88 -32.73
N ARG C 202 -0.61 27.33 -33.57
CA ARG C 202 -0.26 27.93 -34.85
C ARG C 202 0.72 29.10 -34.66
N ASN C 203 0.36 30.04 -33.80
CA ASN C 203 1.23 31.19 -33.57
C ASN C 203 2.54 30.78 -32.90
N TRP C 204 2.49 29.78 -32.02
CA TRP C 204 3.70 29.35 -31.33
C TRP C 204 4.69 28.72 -32.30
N VAL C 205 4.21 27.84 -33.18
CA VAL C 205 5.06 27.25 -34.20
C VAL C 205 5.64 28.35 -35.09
N ALA C 206 4.78 29.28 -35.53
CA ALA C 206 5.25 30.37 -36.39
C ALA C 206 6.32 31.22 -35.72
N ASP C 207 6.29 31.30 -34.39
CA ASP C 207 7.28 32.07 -33.65
C ASP C 207 8.48 31.24 -33.21
N HIS C 208 8.44 29.93 -33.41
CA HIS C 208 9.51 29.03 -32.97
C HIS C 208 9.83 28.02 -34.06
N THR C 209 9.93 28.47 -35.31
CA THR C 209 10.07 27.54 -36.43
C THR C 209 11.36 26.73 -36.35
N SER C 210 12.40 27.29 -35.71
CA SER C 210 13.70 26.64 -35.69
C SER C 210 13.80 25.52 -34.66
N ILE C 211 12.82 25.38 -33.77
CA ILE C 211 12.88 24.35 -32.75
C ILE C 211 11.87 23.23 -32.97
N VAL C 212 10.98 23.36 -33.94
CA VAL C 212 10.02 22.31 -34.24
C VAL C 212 10.70 21.27 -35.14
N MET C 213 10.78 20.03 -34.66
CA MET C 213 11.57 18.99 -35.30
C MET C 213 10.70 17.83 -35.74
N ARG C 214 11.01 17.25 -36.89
CA ARG C 214 10.55 15.91 -37.23
C ARG C 214 11.70 14.94 -37.03
N TRP C 215 11.48 13.66 -37.34
CA TRP C 215 12.46 12.63 -37.05
C TRP C 215 12.62 11.73 -38.27
N ASP C 216 13.76 11.84 -38.95
CA ASP C 216 14.19 10.88 -39.97
C ASP C 216 15.44 10.21 -39.41
N GLY C 217 15.23 9.26 -38.49
CA GLY C 217 16.31 8.66 -37.75
C GLY C 217 17.01 9.59 -36.78
N LYS C 218 16.68 10.88 -36.81
CA LYS C 218 17.36 11.93 -36.06
C LYS C 218 16.57 13.21 -36.27
N ALA C 219 16.85 14.23 -35.44
CA ALA C 219 16.10 15.47 -35.51
C ALA C 219 16.34 16.20 -36.83
N VAL C 220 15.25 16.57 -37.51
CA VAL C 220 15.28 17.37 -38.72
C VAL C 220 14.32 18.53 -38.54
N ASN C 221 14.83 19.76 -38.66
CA ASN C 221 13.98 20.94 -38.48
C ASN C 221 12.90 20.98 -39.55
N ASP C 222 11.65 21.01 -39.12
CA ASP C 222 10.51 21.04 -40.03
C ASP C 222 9.29 21.59 -39.32
N PRO C 223 9.09 22.91 -39.33
CA PRO C 223 7.89 23.48 -38.68
C PRO C 223 6.60 23.12 -39.38
N ASP C 224 6.66 22.59 -40.60
CA ASP C 224 5.48 22.15 -41.33
C ASP C 224 5.07 20.74 -40.97
N SER C 225 5.80 20.06 -40.09
CA SER C 225 5.52 18.67 -39.77
C SER C 225 4.33 18.52 -38.83
N ALA C 226 3.94 19.58 -38.15
CA ALA C 226 2.68 19.61 -37.43
C ALA C 226 1.56 19.84 -38.44
N LYS C 227 0.75 18.82 -38.67
CA LYS C 227 -0.21 18.83 -39.77
C LYS C 227 -1.64 18.74 -39.24
N CYS C 228 -2.54 19.41 -39.94
CA CYS C 228 -3.95 19.40 -39.57
C CYS C 228 -4.58 18.04 -39.91
N ALA C 229 -5.46 17.58 -39.03
CA ALA C 229 -6.25 16.39 -39.32
C ALA C 229 -7.24 16.68 -40.45
N GLY C 230 -7.42 15.71 -41.33
CA GLY C 230 -8.33 15.83 -42.46
C GLY C 230 -7.62 16.50 -43.62
N THR C 231 -7.47 17.82 -43.54
CA THR C 231 -6.67 18.56 -44.52
C THR C 231 -5.22 18.45 -44.09
N ASN C 232 -4.42 17.73 -44.85
CA ASN C 232 -3.04 17.44 -44.44
C ASN C 232 -2.11 18.61 -44.74
N THR C 233 -2.50 19.84 -44.32
CA THR C 233 -2.06 21.23 -44.30
C THR C 233 -1.30 21.53 -43.00
N PRO C 234 -0.21 22.31 -43.09
CA PRO C 234 0.57 22.62 -41.89
C PRO C 234 -0.22 23.47 -40.91
N VAL C 235 -0.07 23.14 -39.62
CA VAL C 235 -0.77 23.89 -38.56
C VAL C 235 -0.37 25.35 -38.59
N ARG C 236 0.92 25.64 -38.86
CA ARG C 236 1.38 27.02 -38.83
C ARG C 236 0.78 27.88 -39.93
N ALA C 237 0.16 27.29 -40.95
CA ALA C 237 -0.43 28.03 -42.04
C ALA C 237 -1.90 28.39 -41.80
N VAL C 238 -2.51 27.86 -40.73
CA VAL C 238 -3.91 28.10 -40.44
C VAL C 238 -4.17 29.60 -40.30
N THR C 239 -5.23 30.07 -40.94
CA THR C 239 -5.69 31.44 -40.78
C THR C 239 -6.77 31.52 -39.71
N GLU C 240 -6.79 32.65 -39.00
CA GLU C 240 -7.77 32.83 -37.93
C GLU C 240 -9.19 32.78 -38.48
N ALA C 241 -9.42 33.36 -39.66
CA ALA C 241 -10.76 33.39 -40.24
C ALA C 241 -11.32 32.00 -40.48
N SER C 242 -10.45 31.01 -40.72
CA SER C 242 -10.90 29.64 -40.97
C SER C 242 -11.25 28.88 -39.70
N THR C 243 -10.99 29.45 -38.52
CA THR C 243 -11.30 28.83 -37.25
C THR C 243 -12.50 29.52 -36.62
N SER C 244 -13.09 28.85 -35.63
CA SER C 244 -14.28 29.38 -34.98
C SER C 244 -14.40 28.84 -33.56
N PRO C 245 -14.78 29.68 -32.60
CA PRO C 245 -15.05 29.16 -31.25
C PRO C 245 -16.19 28.16 -31.22
N SER C 246 -17.13 28.27 -32.17
CA SER C 246 -18.23 27.33 -32.24
C SER C 246 -17.78 25.97 -32.76
N LYS C 247 -16.52 25.85 -33.17
CA LYS C 247 -15.97 24.62 -33.70
C LYS C 247 -15.03 23.91 -32.71
N CYS C 248 -15.20 24.13 -31.42
CA CYS C 248 -14.29 23.46 -30.50
C CYS C 248 -15.01 22.40 -29.67
N PRO C 249 -14.35 21.25 -29.40
CA PRO C 249 -14.92 20.18 -28.59
C PRO C 249 -15.37 20.66 -27.21
#